data_417D
# 
_entry.id   417D 
# 
_audit_conform.dict_name       mmcif_pdbx.dic 
_audit_conform.dict_version    5.389 
_audit_conform.dict_location   http://mmcif.pdb.org/dictionaries/ascii/mmcif_pdbx.dic 
# 
loop_
_database_2.database_id 
_database_2.database_code 
_database_2.pdbx_database_accession 
_database_2.pdbx_DOI 
PDB   417D         pdb_0000417d 10.2210/pdb417d/pdb 
RCSB  ZD0002       ?            ?                   
WWPDB D_1000179217 ?            ?                   
# 
loop_
_pdbx_audit_revision_history.ordinal 
_pdbx_audit_revision_history.data_content_type 
_pdbx_audit_revision_history.major_revision 
_pdbx_audit_revision_history.minor_revision 
_pdbx_audit_revision_history.revision_date 
1 'Structure model' 1 0 1998-09-30 
2 'Structure model' 1 1 2008-05-22 
3 'Structure model' 1 2 2011-07-13 
4 'Structure model' 1 3 2024-02-28 
5 'Structure model' 1 4 2024-04-03 
# 
_pdbx_audit_revision_details.ordinal             1 
_pdbx_audit_revision_details.revision_ordinal    1 
_pdbx_audit_revision_details.data_content_type   'Structure model' 
_pdbx_audit_revision_details.provider            repository 
_pdbx_audit_revision_details.type                'Initial release' 
_pdbx_audit_revision_details.description         ? 
_pdbx_audit_revision_details.details             ? 
# 
loop_
_pdbx_audit_revision_group.ordinal 
_pdbx_audit_revision_group.revision_ordinal 
_pdbx_audit_revision_group.data_content_type 
_pdbx_audit_revision_group.group 
1 2 'Structure model' 'Version format compliance' 
2 3 'Structure model' 'Version format compliance' 
3 4 'Structure model' 'Data collection'           
4 4 'Structure model' 'Database references'       
5 4 'Structure model' 'Derived calculations'      
6 4 'Structure model' 'Refinement description'    
7 5 'Structure model' 'Refinement description'    
# 
loop_
_pdbx_audit_revision_category.ordinal 
_pdbx_audit_revision_category.revision_ordinal 
_pdbx_audit_revision_category.data_content_type 
_pdbx_audit_revision_category.category 
1 4 'Structure model' chem_comp_atom                
2 4 'Structure model' chem_comp_bond                
3 4 'Structure model' database_2                    
4 4 'Structure model' diffrn_source                 
5 4 'Structure model' software                      
6 4 'Structure model' struct_conn                   
7 5 'Structure model' pdbx_initial_refinement_model 
# 
loop_
_pdbx_audit_revision_item.ordinal 
_pdbx_audit_revision_item.revision_ordinal 
_pdbx_audit_revision_item.data_content_type 
_pdbx_audit_revision_item.item 
1 4 'Structure model' '_database_2.pdbx_DOI'                 
2 4 'Structure model' '_database_2.pdbx_database_accession'  
3 4 'Structure model' '_diffrn_source.pdbx_synchrotron_site' 
4 4 'Structure model' '_software.name'                       
5 4 'Structure model' '_struct_conn.pdbx_leaving_atom_flag'  
# 
_pdbx_database_status.status_code                     REL 
_pdbx_database_status.entry_id                        417D 
_pdbx_database_status.recvd_initial_deposition_date   1998-07-15 
_pdbx_database_status.deposit_site                    NDB 
_pdbx_database_status.process_site                    NDB 
_pdbx_database_status.SG_entry                        . 
_pdbx_database_status.status_code_sf                  REL 
_pdbx_database_status.status_code_mr                  ? 
_pdbx_database_status.status_code_cs                  ? 
_pdbx_database_status.pdb_format_compatible           Y 
_pdbx_database_status.status_code_nmr_data            ? 
_pdbx_database_status.methods_development_category    ? 
# 
loop_
_audit_author.name 
_audit_author.pdbx_ordinal 
'Lin, P.K.T.'      1 
'Schuerman, M.H.'  2 
'Moore, G.S.'      3 
'Van Meervelt, L.' 4 
'Loakes, D.'       5 
'Brown, D.M.'      6 
'Moore, M.H.'      7 
# 
_citation.id                        primary 
_citation.title                     'A thymine-like base analogue forms wobble pairs with adenine in a Z-DNA duplex.' 
_citation.journal_abbrev            J.Mol.Biol. 
_citation.journal_volume            282 
_citation.page_first                1005 
_citation.page_last                 1011 
_citation.year                      1998 
_citation.journal_id_ASTM           JMOBAK 
_citation.country                   UK 
_citation.journal_id_ISSN           0022-2836 
_citation.journal_id_CSD            0070 
_citation.book_publisher            ? 
_citation.pdbx_database_id_PubMed   9753550 
_citation.pdbx_database_id_DOI      10.1006/jmbi.1998.2080 
# 
loop_
_citation_author.citation_id 
_citation_author.name 
_citation_author.ordinal 
_citation_author.identifier_ORCID 
primary 'Schuerman, G.S.'   1 ? 
primary 'Van Meervelt, L.'  2 ? 
primary 'Loakes, D.'        3 ? 
primary 'Brown, D.M.'       4 ? 
primary 'Kong Thoo Lin, P.' 5 ? 
primary 'Moore, M.H.'       6 ? 
primary 'Salisbury, S.A.'   7 ? 
# 
loop_
_entity.id 
_entity.type 
_entity.src_method 
_entity.pdbx_description 
_entity.formula_weight 
_entity.pdbx_number_of_molecules 
_entity.pdbx_ec 
_entity.pdbx_mutation 
_entity.pdbx_fragment 
_entity.details 
1 polymer man 
;DNA (5'-D(*CP*AP*CP*GP*(C46)P*G)-3')
;
1836.243 2  ? ? ? ? 
2 water   nat water                                  18.015   58 ? ? ? ? 
# 
_entity_poly.entity_id                      1 
_entity_poly.type                           polydeoxyribonucleotide 
_entity_poly.nstd_linkage                   no 
_entity_poly.nstd_monomer                   yes 
_entity_poly.pdbx_seq_one_letter_code       '(DC)(DA)(DC)(DG)(C46)(DG)' 
_entity_poly.pdbx_seq_one_letter_code_can   CACGCG 
_entity_poly.pdbx_strand_id                 A,B 
_entity_poly.pdbx_target_identifier         ? 
# 
_pdbx_entity_nonpoly.entity_id   2 
_pdbx_entity_nonpoly.name        water 
_pdbx_entity_nonpoly.comp_id     HOH 
# 
loop_
_entity_poly_seq.entity_id 
_entity_poly_seq.num 
_entity_poly_seq.mon_id 
_entity_poly_seq.hetero 
1 1 DC  n 
1 2 DA  n 
1 3 DC  n 
1 4 DG  n 
1 5 C46 n 
1 6 DG  n 
# 
loop_
_chem_comp.id 
_chem_comp.type 
_chem_comp.mon_nstd_flag 
_chem_comp.name 
_chem_comp.pdbx_synonyms 
_chem_comp.formula 
_chem_comp.formula_weight 
C46 'DNA linking' n "6H,8H-3,4-DIHYDROPYRIMIDO[4,5-C][1,2]OXAZIN-7-0NE(CYTIDINE)-5'-MONOPHOSPHATE" ? 'C11 H16 N3 O8 P' 349.234 
DA  'DNA linking' y "2'-DEOXYADENOSINE-5'-MONOPHOSPHATE"                                           ? 'C10 H14 N5 O6 P' 331.222 
DC  'DNA linking' y "2'-DEOXYCYTIDINE-5'-MONOPHOSPHATE"                                            ? 'C9 H14 N3 O7 P'  307.197 
DG  'DNA linking' y "2'-DEOXYGUANOSINE-5'-MONOPHOSPHATE"                                           ? 'C10 H14 N5 O7 P' 347.221 
HOH non-polymer   . WATER                                                                          ? 'H2 O'            18.015  
# 
loop_
_pdbx_poly_seq_scheme.asym_id 
_pdbx_poly_seq_scheme.entity_id 
_pdbx_poly_seq_scheme.seq_id 
_pdbx_poly_seq_scheme.mon_id 
_pdbx_poly_seq_scheme.ndb_seq_num 
_pdbx_poly_seq_scheme.pdb_seq_num 
_pdbx_poly_seq_scheme.auth_seq_num 
_pdbx_poly_seq_scheme.pdb_mon_id 
_pdbx_poly_seq_scheme.auth_mon_id 
_pdbx_poly_seq_scheme.pdb_strand_id 
_pdbx_poly_seq_scheme.pdb_ins_code 
_pdbx_poly_seq_scheme.hetero 
A 1 1 DC  1 1  1  DC  C  A . n 
A 1 2 DA  2 2  2  DA  A  A . n 
A 1 3 DC  3 3  3  DC  C  A . n 
A 1 4 DG  4 4  4  DG  G  A . n 
A 1 5 C46 5 5  5  C46 +C A . n 
A 1 6 DG  6 6  6  DG  G  A . n 
B 1 1 DC  1 7  7  DC  C  B . n 
B 1 2 DA  2 8  8  DA  A  B . n 
B 1 3 DC  3 9  9  DC  C  B . n 
B 1 4 DG  4 10 10 DG  G  B . n 
B 1 5 C46 5 11 11 C46 +C B . n 
B 1 6 DG  6 12 12 DG  G  B . n 
# 
loop_
_pdbx_nonpoly_scheme.asym_id 
_pdbx_nonpoly_scheme.entity_id 
_pdbx_nonpoly_scheme.mon_id 
_pdbx_nonpoly_scheme.ndb_seq_num 
_pdbx_nonpoly_scheme.pdb_seq_num 
_pdbx_nonpoly_scheme.auth_seq_num 
_pdbx_nonpoly_scheme.pdb_mon_id 
_pdbx_nonpoly_scheme.auth_mon_id 
_pdbx_nonpoly_scheme.pdb_strand_id 
_pdbx_nonpoly_scheme.pdb_ins_code 
C 2 HOH 1  13 13 HOH HOH A . 
C 2 HOH 2  15 15 HOH HOH A . 
C 2 HOH 3  17 17 HOH HOH A . 
C 2 HOH 4  18 18 HOH HOH A . 
C 2 HOH 5  19 19 HOH HOH A . 
C 2 HOH 6  20 20 HOH HOH A . 
C 2 HOH 7  22 22 HOH HOH A . 
C 2 HOH 8  25 25 HOH HOH A . 
C 2 HOH 9  26 26 HOH HOH A . 
C 2 HOH 10 30 30 HOH HOH A . 
C 2 HOH 11 33 33 HOH HOH A . 
C 2 HOH 12 34 34 HOH HOH A . 
C 2 HOH 13 36 36 HOH HOH A . 
C 2 HOH 14 37 37 HOH HOH A . 
C 2 HOH 15 39 39 HOH HOH A . 
C 2 HOH 16 42 42 HOH HOH A . 
C 2 HOH 17 43 43 HOH HOH A . 
C 2 HOH 18 51 51 HOH HOH A . 
C 2 HOH 19 52 52 HOH HOH A . 
C 2 HOH 20 53 53 HOH HOH A . 
C 2 HOH 21 55 55 HOH HOH A . 
C 2 HOH 22 56 56 HOH HOH A . 
C 2 HOH 23 57 57 HOH HOH A . 
C 2 HOH 24 58 58 HOH HOH A . 
C 2 HOH 25 61 61 HOH HOH A . 
C 2 HOH 26 66 66 HOH HOH A . 
D 2 HOH 1  14 14 HOH HOH B . 
D 2 HOH 2  16 16 HOH HOH B . 
D 2 HOH 3  21 21 HOH HOH B . 
D 2 HOH 4  23 23 HOH HOH B . 
D 2 HOH 5  24 24 HOH HOH B . 
D 2 HOH 6  27 27 HOH HOH B . 
D 2 HOH 7  28 28 HOH HOH B . 
D 2 HOH 8  29 29 HOH HOH B . 
D 2 HOH 9  31 31 HOH HOH B . 
D 2 HOH 10 32 32 HOH HOH B . 
D 2 HOH 11 35 35 HOH HOH B . 
D 2 HOH 12 38 38 HOH HOH B . 
D 2 HOH 13 40 40 HOH HOH B . 
D 2 HOH 14 41 41 HOH HOH B . 
D 2 HOH 15 44 44 HOH HOH B . 
D 2 HOH 16 45 45 HOH HOH B . 
D 2 HOH 17 46 46 HOH HOH B . 
D 2 HOH 18 47 47 HOH HOH B . 
D 2 HOH 19 48 48 HOH HOH B . 
D 2 HOH 20 49 49 HOH HOH B . 
D 2 HOH 21 50 50 HOH HOH B . 
D 2 HOH 22 54 54 HOH HOH B . 
D 2 HOH 23 59 59 HOH HOH B . 
D 2 HOH 24 60 60 HOH HOH B . 
D 2 HOH 25 62 62 HOH HOH B . 
D 2 HOH 26 63 63 HOH HOH B . 
D 2 HOH 27 64 64 HOH HOH B . 
D 2 HOH 28 65 65 HOH HOH B . 
D 2 HOH 29 67 67 HOH HOH B . 
D 2 HOH 30 68 68 HOH HOH B . 
D 2 HOH 31 69 69 HOH HOH B . 
D 2 HOH 32 70 70 HOH HOH B . 
# 
loop_
_software.name 
_software.classification 
_software.version 
_software.citation_id 
_software.pdbx_ordinal 
AMoRE     phasing          .           ? 1 
SHELXL-93 refinement       .           ? 2 
DENZO     'data reduction' .           ? 3 
CCP4      'data scaling'   '(AGROVATA' ? 4 
ROTAVATA  'data scaling'   .           ? 5 
# 
_cell.entry_id           417D 
_cell.length_a           17.338 
_cell.length_b           31.432 
_cell.length_c           44.486 
_cell.angle_alpha        90.00 
_cell.angle_beta         90.00 
_cell.angle_gamma        90.00 
_cell.Z_PDB              8 
_cell.pdbx_unique_axis   ? 
# 
_symmetry.entry_id                         417D 
_symmetry.space_group_name_H-M             'P 21 21 21' 
_symmetry.pdbx_full_space_group_name_H-M   ? 
_symmetry.cell_setting                     orthorhombic 
_symmetry.Int_Tables_number                19 
# 
_exptl.entry_id          417D 
_exptl.method            'X-RAY DIFFRACTION' 
_exptl.crystals_number   1 
# 
_exptl_crystal.id                    1 
_exptl_crystal.density_meas          ? 
_exptl_crystal.density_Matthews      1.65 
_exptl_crystal.density_percent_sol   35.0000 
_exptl_crystal.description           ? 
# 
_exptl_crystal_grow.crystal_id      1 
_exptl_crystal_grow.method          'VAPOR DIFFUSION, SITTING DROP' 
_exptl_crystal_grow.temp            277.00 
_exptl_crystal_grow.temp_details    ? 
_exptl_crystal_grow.pH              6.50 
_exptl_crystal_grow.pdbx_details    
;CRYSTALS WERE OBTAINED FROM A SOLUTION THAT CONTAINED NA CACODYLATE, MG CHLORIDE, SPERMINE, MPD., pH 6.50, VAPOR DIFFUSION, SITTING DROP, temperature 277.00K
;
_exptl_crystal_grow.pdbx_pH_range   ? 
# 
loop_
_exptl_crystal_grow_comp.crystal_id 
_exptl_crystal_grow_comp.id 
_exptl_crystal_grow_comp.sol_id 
_exptl_crystal_grow_comp.name 
_exptl_crystal_grow_comp.volume 
_exptl_crystal_grow_comp.conc 
_exptl_crystal_grow_comp.details 
1 1 1 'NA CACODYLATE' ? ? ? 
1 2 1 MGCL2           ? ? ? 
1 3 1 SPERMINE        ? ? ? 
1 4 1 MPD             ? ? ? 
1 5 2 MPD             ? ? ? 
# 
_diffrn.id                     1 
_diffrn.ambient_temp           150.00 
_diffrn.ambient_temp_details   ? 
_diffrn.crystal_id             1 
# 
_diffrn_detector.diffrn_id              1 
_diffrn_detector.detector               'IMAGE PLATE' 
_diffrn_detector.type                   MARRESEARCH 
_diffrn_detector.pdbx_collection_date   1995-10-19 
_diffrn_detector.details                ? 
# 
_diffrn_radiation.diffrn_id                        1 
_diffrn_radiation.wavelength_id                    1 
_diffrn_radiation.pdbx_monochromatic_or_laue_m_l   M 
_diffrn_radiation.monochromator                    ? 
_diffrn_radiation.pdbx_diffrn_protocol             'SINGLE WAVELENGTH' 
_diffrn_radiation.pdbx_scattering_type             x-ray 
# 
_diffrn_radiation_wavelength.id           1 
_diffrn_radiation_wavelength.wavelength   . 
_diffrn_radiation_wavelength.wt           1.0 
# 
_diffrn_source.diffrn_id                   1 
_diffrn_source.source                      SYNCHROTRON 
_diffrn_source.type                        'EMBL/DESY, HAMBURG BEAMLINE BW7B' 
_diffrn_source.pdbx_synchrotron_site       'EMBL/DESY, HAMBURG' 
_diffrn_source.pdbx_synchrotron_beamline   BW7B 
_diffrn_source.pdbx_wavelength             ? 
_diffrn_source.pdbx_wavelength_list        ? 
# 
_reflns.entry_id                     417D 
_reflns.observed_criterion_sigma_I   0.000 
_reflns.observed_criterion_sigma_F   0.000 
_reflns.d_resolution_low             10.000 
_reflns.d_resolution_high            1.530 
_reflns.number_obs                   3920 
_reflns.number_all                   3920 
_reflns.percent_possible_obs         97.500 
_reflns.pdbx_Rmerge_I_obs            0.086 
_reflns.pdbx_Rsym_value              ? 
_reflns.pdbx_netI_over_sigmaI        21.0800 
_reflns.B_iso_Wilson_estimate        ? 
_reflns.pdbx_redundancy              5.200 
_reflns.pdbx_diffrn_id               1 
_reflns.pdbx_ordinal                 1 
# 
_reflns_shell.d_res_high             1.530 
_reflns_shell.d_res_low              1.560 
_reflns_shell.percent_possible_all   92.50 
_reflns_shell.Rmerge_I_obs           0.104 
_reflns_shell.pdbx_Rsym_value        ? 
_reflns_shell.meanI_over_sigI_obs    11.92 
_reflns_shell.pdbx_redundancy        ? 
_reflns_shell.pdbx_diffrn_id         ? 
_reflns_shell.pdbx_ordinal           1 
# 
_refine.entry_id                                 417D 
_refine.ls_number_reflns_obs                     3696 
_refine.ls_number_reflns_all                     3920 
_refine.pdbx_ls_sigma_I                          ? 
_refine.pdbx_ls_sigma_F                          4.000 
_refine.pdbx_data_cutoff_high_absF               ? 
_refine.pdbx_data_cutoff_low_absF                ? 
_refine.pdbx_data_cutoff_high_rms_absF           ? 
_refine.ls_d_res_low                             10.000 
_refine.ls_d_res_high                            1.500 
_refine.ls_percent_reflns_obs                    97.500 
_refine.ls_R_factor_obs                          0.15 
_refine.ls_R_factor_all                          0.156 
_refine.ls_R_factor_R_work                       0.155 
_refine.ls_R_factor_R_free                       0.25 
_refine.ls_R_factor_R_free_error                 ? 
_refine.ls_R_factor_R_free_error_details         ? 
_refine.ls_percent_reflns_R_free                 10.000 
_refine.ls_number_reflns_R_free                  ? 
_refine.ls_number_parameters                     2724 
_refine.ls_number_restraints                     5294 
_refine.occupancy_min                            ? 
_refine.occupancy_max                            ? 
_refine.B_iso_mean                               ? 
_refine.aniso_B[1][1]                            ? 
_refine.aniso_B[2][2]                            ? 
_refine.aniso_B[3][3]                            ? 
_refine.aniso_B[1][2]                            ? 
_refine.aniso_B[1][3]                            ? 
_refine.aniso_B[2][3]                            ? 
_refine.solvent_model_details                    
;BABINET'S PRINCIPLE
;
_refine.solvent_model_param_ksol                 ? 
_refine.solvent_model_param_bsol                 ? 
_refine.pdbx_ls_cross_valid_method               ? 
_refine.details                                  ? 
_refine.pdbx_starting_model                      PDB 
_refine.pdbx_method_to_determine_struct          'MOLECULAR REPLACEMENT' 
_refine.pdbx_isotropic_thermal_model             ? 
_refine.pdbx_stereochemistry_target_values       SHELXL 
_refine.pdbx_stereochem_target_val_spec_case     ? 
_refine.pdbx_R_Free_selection_details            CCP4 
_refine.pdbx_overall_ESU_R                       ? 
_refine.pdbx_overall_ESU_R_Free                  ? 
_refine.overall_SU_ML                            ? 
_refine.overall_SU_B                             ? 
_refine.pdbx_refine_id                           'X-RAY DIFFRACTION' 
_refine.pdbx_diffrn_id                           1 
_refine.pdbx_TLS_residual_ADP_flag               ? 
_refine.correlation_coeff_Fo_to_Fc               ? 
_refine.correlation_coeff_Fo_to_Fc_free          ? 
_refine.pdbx_solvent_vdw_probe_radii             ? 
_refine.pdbx_solvent_ion_probe_radii             ? 
_refine.pdbx_solvent_shrinkage_radii             ? 
_refine.pdbx_overall_phase_error                 ? 
_refine.overall_SU_R_Cruickshank_DPI             ? 
_refine.pdbx_overall_SU_R_free_Cruickshank_DPI   ? 
_refine.pdbx_overall_SU_R_Blow_DPI               ? 
_refine.pdbx_overall_SU_R_free_Blow_DPI          ? 
# 
_refine_hist.pdbx_refine_id                   'X-RAY DIFFRACTION' 
_refine_hist.cycle_id                         LAST 
_refine_hist.pdbx_number_atoms_protein        0 
_refine_hist.pdbx_number_atoms_nucleic_acid   244 
_refine_hist.pdbx_number_atoms_ligand         0 
_refine_hist.number_atoms_solvent             58 
_refine_hist.number_atoms_total               302 
_refine_hist.d_res_high                       1.500 
_refine_hist.d_res_low                        10.000 
# 
loop_
_refine_ls_restr.type 
_refine_ls_restr.dev_ideal 
_refine_ls_restr.dev_ideal_target 
_refine_ls_restr.weight 
_refine_ls_restr.number 
_refine_ls_restr.pdbx_refine_id 
_refine_ls_restr.pdbx_restraint_function 
s_bond_d               0.014 ? ? ? 'X-RAY DIFFRACTION' ? 
s_angle_d              0.014 ? ? ? 'X-RAY DIFFRACTION' ? 
s_similar_dist         0.020 ? ? ? 'X-RAY DIFFRACTION' ? 
s_from_restr_planes    0.041 ? ? ? 'X-RAY DIFFRACTION' ? 
s_zero_chiral_vol      ?     ? ? ? 'X-RAY DIFFRACTION' ? 
s_non_zero_chiral_vol  0.083 ? ? ? 'X-RAY DIFFRACTION' ? 
s_anti_bump_dis_restr  ?     ? ? ? 'X-RAY DIFFRACTION' ? 
s_rigid_bond_adp_cmpnt 0.004 ? ? ? 'X-RAY DIFFRACTION' ? 
s_similar_adp_cmpnt    0.020 ? ? ? 'X-RAY DIFFRACTION' ? 
s_approx_iso_adps      0.058 ? ? ? 'X-RAY DIFFRACTION' ? 
# 
_pdbx_refine.entry_id                                    417D 
_pdbx_refine.R_factor_all_no_cutoff                      0.156 
_pdbx_refine.R_factor_obs_no_cutoff                      0.155 
_pdbx_refine.free_R_factor_no_cutoff                     0.25 
_pdbx_refine.free_R_val_test_set_size_perc_no_cutoff     10.000 
_pdbx_refine.free_R_val_test_set_ct_no_cutoff            ? 
_pdbx_refine.R_factor_all_4sig_cutoff                    0.15 
_pdbx_refine.R_factor_obs_4sig_cutoff                    ? 
_pdbx_refine.free_R_factor_4sig_cutoff                   ? 
_pdbx_refine.free_R_val_test_set_size_perc_4sig_cutoff   10.00 
_pdbx_refine.free_R_val_test_set_ct_4sig_cutoff          ? 
_pdbx_refine.number_reflns_obs_4sig_cutoff               3696 
_pdbx_refine.pdbx_refine_id                              'X-RAY DIFFRACTION' 
_pdbx_refine.free_R_error_no_cutoff                      ? 
# 
_struct.entry_id                  417D 
_struct.title                     'A THYMINE-LIKE BASE ANALOGUE FORMS WOBBLE PAIRS WITH ADENINE' 
_struct.pdbx_model_details        ? 
_struct.pdbx_CASP_flag            ? 
_struct.pdbx_model_type_details   ? 
# 
_struct_keywords.entry_id        417D 
_struct_keywords.pdbx_keywords   DNA 
_struct_keywords.text            'P.A BASE-PAIRS, PYRIMIDINE ANALOGUE, Z-DNA, DNA' 
# 
loop_
_struct_asym.id 
_struct_asym.pdbx_blank_PDB_chainid_flag 
_struct_asym.pdbx_modified 
_struct_asym.entity_id 
_struct_asym.details 
A N N 1 ? 
B N N 1 ? 
C N N 2 ? 
D N N 2 ? 
# 
_struct_ref.id                         1 
_struct_ref.entity_id                  1 
_struct_ref.db_name                    PDB 
_struct_ref.db_code                    417D 
_struct_ref.pdbx_db_accession          417D 
_struct_ref.pdbx_db_isoform            ? 
_struct_ref.pdbx_seq_one_letter_code   ? 
_struct_ref.pdbx_align_begin           ? 
# 
loop_
_struct_ref_seq.align_id 
_struct_ref_seq.ref_id 
_struct_ref_seq.pdbx_PDB_id_code 
_struct_ref_seq.pdbx_strand_id 
_struct_ref_seq.seq_align_beg 
_struct_ref_seq.pdbx_seq_align_beg_ins_code 
_struct_ref_seq.seq_align_end 
_struct_ref_seq.pdbx_seq_align_end_ins_code 
_struct_ref_seq.pdbx_db_accession 
_struct_ref_seq.db_align_beg 
_struct_ref_seq.pdbx_db_align_beg_ins_code 
_struct_ref_seq.db_align_end 
_struct_ref_seq.pdbx_db_align_end_ins_code 
_struct_ref_seq.pdbx_auth_seq_align_beg 
_struct_ref_seq.pdbx_auth_seq_align_end 
1 1 417D A 1 ? 6 ? 417D 1 ? 6  ? 1 6  
2 1 417D B 1 ? 6 ? 417D 7 ? 12 ? 7 12 
# 
_pdbx_struct_assembly.id                   1 
_pdbx_struct_assembly.details              author_defined_assembly 
_pdbx_struct_assembly.method_details       ? 
_pdbx_struct_assembly.oligomeric_details   dimeric 
_pdbx_struct_assembly.oligomeric_count     2 
# 
_pdbx_struct_assembly_gen.assembly_id       1 
_pdbx_struct_assembly_gen.oper_expression   1 
_pdbx_struct_assembly_gen.asym_id_list      A,B,C,D 
# 
_pdbx_struct_oper_list.id                   1 
_pdbx_struct_oper_list.type                 'identity operation' 
_pdbx_struct_oper_list.name                 1_555 
_pdbx_struct_oper_list.symmetry_operation   x,y,z 
_pdbx_struct_oper_list.matrix[1][1]         1.0000000000 
_pdbx_struct_oper_list.matrix[1][2]         0.0000000000 
_pdbx_struct_oper_list.matrix[1][3]         0.0000000000 
_pdbx_struct_oper_list.vector[1]            0.0000000000 
_pdbx_struct_oper_list.matrix[2][1]         0.0000000000 
_pdbx_struct_oper_list.matrix[2][2]         1.0000000000 
_pdbx_struct_oper_list.matrix[2][3]         0.0000000000 
_pdbx_struct_oper_list.vector[2]            0.0000000000 
_pdbx_struct_oper_list.matrix[3][1]         0.0000000000 
_pdbx_struct_oper_list.matrix[3][2]         0.0000000000 
_pdbx_struct_oper_list.matrix[3][3]         1.0000000000 
_pdbx_struct_oper_list.vector[3]            0.0000000000 
# 
_struct_biol.id   1 
# 
loop_
_struct_conn.id 
_struct_conn.conn_type_id 
_struct_conn.pdbx_leaving_atom_flag 
_struct_conn.pdbx_PDB_id 
_struct_conn.ptnr1_label_asym_id 
_struct_conn.ptnr1_label_comp_id 
_struct_conn.ptnr1_label_seq_id 
_struct_conn.ptnr1_label_atom_id 
_struct_conn.pdbx_ptnr1_label_alt_id 
_struct_conn.pdbx_ptnr1_PDB_ins_code 
_struct_conn.pdbx_ptnr1_standard_comp_id 
_struct_conn.ptnr1_symmetry 
_struct_conn.ptnr2_label_asym_id 
_struct_conn.ptnr2_label_comp_id 
_struct_conn.ptnr2_label_seq_id 
_struct_conn.ptnr2_label_atom_id 
_struct_conn.pdbx_ptnr2_label_alt_id 
_struct_conn.pdbx_ptnr2_PDB_ins_code 
_struct_conn.ptnr1_auth_asym_id 
_struct_conn.ptnr1_auth_comp_id 
_struct_conn.ptnr1_auth_seq_id 
_struct_conn.ptnr2_auth_asym_id 
_struct_conn.ptnr2_auth_comp_id 
_struct_conn.ptnr2_auth_seq_id 
_struct_conn.ptnr2_symmetry 
_struct_conn.pdbx_ptnr3_label_atom_id 
_struct_conn.pdbx_ptnr3_label_seq_id 
_struct_conn.pdbx_ptnr3_label_comp_id 
_struct_conn.pdbx_ptnr3_label_asym_id 
_struct_conn.pdbx_ptnr3_label_alt_id 
_struct_conn.pdbx_ptnr3_PDB_ins_code 
_struct_conn.details 
_struct_conn.pdbx_dist_value 
_struct_conn.pdbx_value_order 
_struct_conn.pdbx_role 
covale1  covale both ? A DG  4 "O3'" ? ? ? 1_555 A C46 5 P  ? ? A DG  4  A C46 5  1_555 ? ? ? ? ? ? ?                1.599 ? ? 
covale2  covale one  ? A C46 5 "O3'" ? ? ? 1_555 A DG  6 P  ? ? A C46 5  A DG  6  1_555 ? ? ? ? ? ? ?                1.611 ? ? 
covale3  covale both ? B DG  4 "O3'" ? ? ? 1_555 B C46 5 P  ? ? B DG  10 B C46 11 1_555 ? ? ? ? ? ? ?                1.609 ? ? 
covale4  covale one  ? B C46 5 "O3'" ? ? ? 1_555 B DG  6 P  ? ? B C46 11 B DG  12 1_555 ? ? ? ? ? ? ?                1.608 ? ? 
hydrog1  hydrog ?    ? A DC  1 N3    ? ? ? 1_555 B DG  6 N1 ? ? A DC  1  B DG  12 1_555 ? ? ? ? ? ? WATSON-CRICK     ?     ? ? 
hydrog2  hydrog ?    ? A DC  1 N4    ? ? ? 1_555 B DG  6 O6 ? ? A DC  1  B DG  12 1_555 ? ? ? ? ? ? WATSON-CRICK     ?     ? ? 
hydrog3  hydrog ?    ? A DC  1 O2    ? ? ? 1_555 B DG  6 N2 ? ? A DC  1  B DG  12 1_555 ? ? ? ? ? ? WATSON-CRICK     ?     ? ? 
hydrog4  hydrog ?    ? A DA  2 N6    ? ? ? 1_555 B C46 5 N3 ? ? A DA  2  B C46 11 1_555 ? ? ? ? ? ? 'DA-C46 MISPAIR' ?     ? ? 
hydrog5  hydrog ?    ? A DC  3 N3    ? ? ? 1_555 B DG  4 N1 ? ? A DC  3  B DG  10 1_555 ? ? ? ? ? ? WATSON-CRICK     ?     ? ? 
hydrog6  hydrog ?    ? A DC  3 N4    ? ? ? 1_555 B DG  4 O6 ? ? A DC  3  B DG  10 1_555 ? ? ? ? ? ? WATSON-CRICK     ?     ? ? 
hydrog7  hydrog ?    ? A DC  3 O2    ? ? ? 1_555 B DG  4 N2 ? ? A DC  3  B DG  10 1_555 ? ? ? ? ? ? WATSON-CRICK     ?     ? ? 
hydrog8  hydrog ?    ? A DG  4 N1    ? ? ? 1_555 B DC  3 N3 ? ? A DG  4  B DC  9  1_555 ? ? ? ? ? ? WATSON-CRICK     ?     ? ? 
hydrog9  hydrog ?    ? A DG  4 N2    ? ? ? 1_555 B DC  3 O2 ? ? A DG  4  B DC  9  1_555 ? ? ? ? ? ? WATSON-CRICK     ?     ? ? 
hydrog10 hydrog ?    ? A DG  4 O6    ? ? ? 1_555 B DC  3 N4 ? ? A DG  4  B DC  9  1_555 ? ? ? ? ? ? WATSON-CRICK     ?     ? ? 
hydrog11 hydrog ?    ? A C46 5 N3    ? ? ? 1_555 B DA  2 N6 ? ? A C46 5  B DA  8  1_555 ? ? ? ? ? ? 'C46-DA MISPAIR' ?     ? ? 
hydrog12 hydrog ?    ? A DG  6 N1    ? ? ? 1_555 B DC  1 N3 ? ? A DG  6  B DC  7  1_555 ? ? ? ? ? ? WATSON-CRICK     ?     ? ? 
hydrog13 hydrog ?    ? A DG  6 N2    ? ? ? 1_555 B DC  1 O2 ? ? A DG  6  B DC  7  1_555 ? ? ? ? ? ? WATSON-CRICK     ?     ? ? 
hydrog14 hydrog ?    ? A DG  6 O6    ? ? ? 1_555 B DC  1 N4 ? ? A DG  6  B DC  7  1_555 ? ? ? ? ? ? WATSON-CRICK     ?     ? ? 
# 
loop_
_struct_conn_type.id 
_struct_conn_type.criteria 
_struct_conn_type.reference 
covale ? ? 
hydrog ? ? 
# 
loop_
_pdbx_validate_rmsd_bond.id 
_pdbx_validate_rmsd_bond.PDB_model_num 
_pdbx_validate_rmsd_bond.auth_atom_id_1 
_pdbx_validate_rmsd_bond.auth_asym_id_1 
_pdbx_validate_rmsd_bond.auth_comp_id_1 
_pdbx_validate_rmsd_bond.auth_seq_id_1 
_pdbx_validate_rmsd_bond.PDB_ins_code_1 
_pdbx_validate_rmsd_bond.label_alt_id_1 
_pdbx_validate_rmsd_bond.auth_atom_id_2 
_pdbx_validate_rmsd_bond.auth_asym_id_2 
_pdbx_validate_rmsd_bond.auth_comp_id_2 
_pdbx_validate_rmsd_bond.auth_seq_id_2 
_pdbx_validate_rmsd_bond.PDB_ins_code_2 
_pdbx_validate_rmsd_bond.label_alt_id_2 
_pdbx_validate_rmsd_bond.bond_value 
_pdbx_validate_rmsd_bond.bond_target_value 
_pdbx_validate_rmsd_bond.bond_deviation 
_pdbx_validate_rmsd_bond.bond_standard_deviation 
_pdbx_validate_rmsd_bond.linker_flag 
1  1 "C3'" A DC 1  ? ? "C2'" A DC 1  ? ? 1.451 1.516 -0.065 0.008 N 
2  1 "C3'" A DA 2  ? ? "C2'" A DA 2  ? ? 1.411 1.516 -0.105 0.008 N 
3  1 "C3'" A DC 3  ? ? "C2'" A DC 3  ? ? 1.441 1.516 -0.075 0.008 N 
4  1 "C3'" A DG 4  ? ? "C2'" A DG 4  ? ? 1.429 1.516 -0.087 0.008 N 
5  1 "C3'" A DG 6  ? ? "C2'" A DG 6  ? ? 1.435 1.516 -0.081 0.008 N 
6  1 "C3'" B DC 7  ? ? "C2'" B DC 7  ? ? 1.448 1.516 -0.068 0.008 N 
7  1 "O4'" B DC 7  ? ? "C4'" B DC 7  ? ? 1.385 1.446 -0.061 0.010 N 
8  1 "C3'" B DA 8  ? ? "C2'" B DA 8  ? ? 1.434 1.516 -0.082 0.008 N 
9  1 "C3'" B DC 9  ? ? "C2'" B DC 9  ? ? 1.431 1.516 -0.085 0.008 N 
10 1 "C3'" B DG 10 ? ? "C2'" B DG 10 ? ? 1.423 1.516 -0.093 0.008 N 
11 1 "C3'" B DG 12 ? ? "C2'" B DG 12 ? ? 1.426 1.516 -0.090 0.008 N 
# 
loop_
_pdbx_validate_rmsd_angle.id 
_pdbx_validate_rmsd_angle.PDB_model_num 
_pdbx_validate_rmsd_angle.auth_atom_id_1 
_pdbx_validate_rmsd_angle.auth_asym_id_1 
_pdbx_validate_rmsd_angle.auth_comp_id_1 
_pdbx_validate_rmsd_angle.auth_seq_id_1 
_pdbx_validate_rmsd_angle.PDB_ins_code_1 
_pdbx_validate_rmsd_angle.label_alt_id_1 
_pdbx_validate_rmsd_angle.auth_atom_id_2 
_pdbx_validate_rmsd_angle.auth_asym_id_2 
_pdbx_validate_rmsd_angle.auth_comp_id_2 
_pdbx_validate_rmsd_angle.auth_seq_id_2 
_pdbx_validate_rmsd_angle.PDB_ins_code_2 
_pdbx_validate_rmsd_angle.label_alt_id_2 
_pdbx_validate_rmsd_angle.auth_atom_id_3 
_pdbx_validate_rmsd_angle.auth_asym_id_3 
_pdbx_validate_rmsd_angle.auth_comp_id_3 
_pdbx_validate_rmsd_angle.auth_seq_id_3 
_pdbx_validate_rmsd_angle.PDB_ins_code_3 
_pdbx_validate_rmsd_angle.label_alt_id_3 
_pdbx_validate_rmsd_angle.angle_value 
_pdbx_validate_rmsd_angle.angle_target_value 
_pdbx_validate_rmsd_angle.angle_deviation 
_pdbx_validate_rmsd_angle.angle_standard_deviation 
_pdbx_validate_rmsd_angle.linker_flag 
1  1 C2    A DC 1  ? ? N3    A DC 1  ? ? C4    A DC 1  ? ? 123.13 119.90 3.23   0.50 N 
2  1 "O4'" A DA 2  ? ? "C4'" A DA 2  ? ? "C3'" A DA 2  ? ? 101.86 104.50 -2.64  0.40 N 
3  1 "O4'" A DA 2  ? ? "C1'" A DA 2  ? ? N9    A DA 2  ? ? 101.51 108.00 -6.49  0.70 N 
4  1 C6    A DA 2  ? ? N1    A DA 2  ? ? C2    A DA 2  ? ? 122.61 118.60 4.01   0.60 N 
5  1 N1    A DA 2  ? ? C2    A DA 2  ? ? N3    A DA 2  ? ? 124.85 129.30 -4.45  0.50 N 
6  1 C2    A DA 2  ? ? N3    A DA 2  ? ? C4    A DA 2  ? ? 113.75 110.60 3.15   0.50 N 
7  1 C5    A DA 2  ? ? C6    A DA 2  ? ? N1    A DA 2  ? ? 113.73 117.70 -3.97  0.50 N 
8  1 OP1   A DC 3  ? ? P     A DC 3  ? ? OP2   A DC 3  ? ? 109.34 119.60 -10.26 1.50 N 
9  1 "O4'" A DG 4  ? ? "C4'" A DG 4  ? ? "C3'" A DG 4  ? ? 101.53 104.50 -2.97  0.40 N 
10 1 "O4'" A DG 6  ? ? "C4'" A DG 6  ? ? "C3'" A DG 6  ? ? 102.09 104.50 -2.41  0.40 N 
11 1 C5    A DG 6  ? ? C6    A DG 6  ? ? N1    A DG 6  ? ? 114.78 111.50 3.28   0.50 N 
12 1 "O4'" B DC 7  ? ? "C1'" B DC 7  ? ? N1    B DC 7  ? ? 111.03 108.30 2.73   0.30 N 
13 1 "O4'" B DA 8  ? ? "C1'" B DA 8  ? ? N9    B DA 8  ? ? 103.70 108.00 -4.30  0.70 N 
14 1 C5    B DA 8  ? ? C6    B DA 8  ? ? N1    B DA 8  ? ? 114.29 117.70 -3.41  0.50 N 
15 1 "C3'" B DA 8  ? ? "O3'" B DA 8  ? ? P     B DC 9  ? ? 131.72 119.70 12.02  1.20 Y 
16 1 OP1   B DC 9  ? ? P     B DC 9  ? ? OP2   B DC 9  ? ? 109.06 119.60 -10.54 1.50 N 
17 1 "O4'" B DC 9  ? ? "C1'" B DC 9  ? ? "C2'" B DC 9  ? ? 101.09 105.90 -4.81  0.80 N 
18 1 C6    B DC 9  ? ? N1    B DC 9  ? ? C2    B DC 9  ? ? 123.96 120.30 3.66   0.40 N 
19 1 "C3'" B DC 9  ? ? "O3'" B DC 9  ? ? P     B DG 10 ? ? 128.06 119.70 8.36   1.20 Y 
20 1 "O4'" B DG 12 ? ? "C1'" B DG 12 ? ? N9    B DG 12 ? ? 101.82 108.00 -6.18  0.70 N 
# 
loop_
_pdbx_struct_mod_residue.id 
_pdbx_struct_mod_residue.label_asym_id 
_pdbx_struct_mod_residue.label_comp_id 
_pdbx_struct_mod_residue.label_seq_id 
_pdbx_struct_mod_residue.auth_asym_id 
_pdbx_struct_mod_residue.auth_comp_id 
_pdbx_struct_mod_residue.auth_seq_id 
_pdbx_struct_mod_residue.PDB_ins_code 
_pdbx_struct_mod_residue.parent_comp_id 
_pdbx_struct_mod_residue.details 
1 A C46 5 A C46 5  ? DC ? 
2 B C46 5 B C46 11 ? DC ? 
# 
loop_
_chem_comp_atom.comp_id 
_chem_comp_atom.atom_id 
_chem_comp_atom.type_symbol 
_chem_comp_atom.pdbx_aromatic_flag 
_chem_comp_atom.pdbx_stereo_config 
_chem_comp_atom.pdbx_ordinal 
C46 P      P N N 1   
C46 O1P    O N N 2   
C46 O2P    O N N 3   
C46 O3P    O N N 4   
C46 "O5'"  O N N 5   
C46 "C5'"  C N N 6   
C46 "C4'"  C N R 7   
C46 "O4'"  O N N 8   
C46 "C3'"  C N S 9   
C46 "O3'"  O N N 10  
C46 "C2'"  C N N 11  
C46 "C1'"  C N R 12  
C46 N1     N N N 13  
C46 C2     C N N 14  
C46 O2     O N N 15  
C46 N3     N N N 16  
C46 C4     C N N 17  
C46 N4     N N N 18  
C46 C5     C N N 19  
C46 C6     C N N 20  
C46 CM5    C N N 21  
C46 O4     O N N 22  
C46 C7     C N N 23  
C46 H1P    H N N 24  
C46 H3P    H N N 25  
C46 "H5'1" H N N 26  
C46 "H5'2" H N N 27  
C46 "H4'"  H N N 28  
C46 "H3'"  H N N 29  
C46 HA     H N N 30  
C46 "H2'1" H N N 31  
C46 "H2'2" H N N 32  
C46 "H1'"  H N N 33  
C46 H4     H N N 34  
C46 H6     H N N 35  
C46 HM51   H N N 36  
C46 HM52   H N N 37  
C46 H7C1   H N N 38  
C46 H7C2   H N N 39  
DA  OP3    O N N 40  
DA  P      P N N 41  
DA  OP1    O N N 42  
DA  OP2    O N N 43  
DA  "O5'"  O N N 44  
DA  "C5'"  C N N 45  
DA  "C4'"  C N R 46  
DA  "O4'"  O N N 47  
DA  "C3'"  C N S 48  
DA  "O3'"  O N N 49  
DA  "C2'"  C N N 50  
DA  "C1'"  C N R 51  
DA  N9     N Y N 52  
DA  C8     C Y N 53  
DA  N7     N Y N 54  
DA  C5     C Y N 55  
DA  C6     C Y N 56  
DA  N6     N N N 57  
DA  N1     N Y N 58  
DA  C2     C Y N 59  
DA  N3     N Y N 60  
DA  C4     C Y N 61  
DA  HOP3   H N N 62  
DA  HOP2   H N N 63  
DA  "H5'"  H N N 64  
DA  "H5''" H N N 65  
DA  "H4'"  H N N 66  
DA  "H3'"  H N N 67  
DA  "HO3'" H N N 68  
DA  "H2'"  H N N 69  
DA  "H2''" H N N 70  
DA  "H1'"  H N N 71  
DA  H8     H N N 72  
DA  H61    H N N 73  
DA  H62    H N N 74  
DA  H2     H N N 75  
DC  OP3    O N N 76  
DC  P      P N N 77  
DC  OP1    O N N 78  
DC  OP2    O N N 79  
DC  "O5'"  O N N 80  
DC  "C5'"  C N N 81  
DC  "C4'"  C N R 82  
DC  "O4'"  O N N 83  
DC  "C3'"  C N S 84  
DC  "O3'"  O N N 85  
DC  "C2'"  C N N 86  
DC  "C1'"  C N R 87  
DC  N1     N N N 88  
DC  C2     C N N 89  
DC  O2     O N N 90  
DC  N3     N N N 91  
DC  C4     C N N 92  
DC  N4     N N N 93  
DC  C5     C N N 94  
DC  C6     C N N 95  
DC  HOP3   H N N 96  
DC  HOP2   H N N 97  
DC  "H5'"  H N N 98  
DC  "H5''" H N N 99  
DC  "H4'"  H N N 100 
DC  "H3'"  H N N 101 
DC  "HO3'" H N N 102 
DC  "H2'"  H N N 103 
DC  "H2''" H N N 104 
DC  "H1'"  H N N 105 
DC  H41    H N N 106 
DC  H42    H N N 107 
DC  H5     H N N 108 
DC  H6     H N N 109 
DG  OP3    O N N 110 
DG  P      P N N 111 
DG  OP1    O N N 112 
DG  OP2    O N N 113 
DG  "O5'"  O N N 114 
DG  "C5'"  C N N 115 
DG  "C4'"  C N R 116 
DG  "O4'"  O N N 117 
DG  "C3'"  C N S 118 
DG  "O3'"  O N N 119 
DG  "C2'"  C N N 120 
DG  "C1'"  C N R 121 
DG  N9     N Y N 122 
DG  C8     C Y N 123 
DG  N7     N Y N 124 
DG  C5     C Y N 125 
DG  C6     C N N 126 
DG  O6     O N N 127 
DG  N1     N N N 128 
DG  C2     C N N 129 
DG  N2     N N N 130 
DG  N3     N N N 131 
DG  C4     C Y N 132 
DG  HOP3   H N N 133 
DG  HOP2   H N N 134 
DG  "H5'"  H N N 135 
DG  "H5''" H N N 136 
DG  "H4'"  H N N 137 
DG  "H3'"  H N N 138 
DG  "HO3'" H N N 139 
DG  "H2'"  H N N 140 
DG  "H2''" H N N 141 
DG  "H1'"  H N N 142 
DG  H8     H N N 143 
DG  H1     H N N 144 
DG  H21    H N N 145 
DG  H22    H N N 146 
HOH O      O N N 147 
HOH H1     H N N 148 
HOH H2     H N N 149 
# 
loop_
_chem_comp_bond.comp_id 
_chem_comp_bond.atom_id_1 
_chem_comp_bond.atom_id_2 
_chem_comp_bond.value_order 
_chem_comp_bond.pdbx_aromatic_flag 
_chem_comp_bond.pdbx_stereo_config 
_chem_comp_bond.pdbx_ordinal 
C46 P     O1P    sing N N 1   
C46 P     O2P    doub N N 2   
C46 P     O3P    sing N N 3   
C46 P     "O5'"  sing N N 4   
C46 O1P   H1P    sing N N 5   
C46 O3P   H3P    sing N N 6   
C46 "O5'" "C5'"  sing N N 7   
C46 "C5'" "C4'"  sing N N 8   
C46 "C5'" "H5'1" sing N N 9   
C46 "C5'" "H5'2" sing N N 10  
C46 "C4'" "O4'"  sing N N 11  
C46 "C4'" "C3'"  sing N N 12  
C46 "C4'" "H4'"  sing N N 13  
C46 "O4'" "C1'"  sing N N 14  
C46 "C3'" "O3'"  sing N N 15  
C46 "C3'" "C2'"  sing N N 16  
C46 "C3'" "H3'"  sing N N 17  
C46 "O3'" HA     sing N N 18  
C46 "C2'" "C1'"  sing N N 19  
C46 "C2'" "H2'1" sing N N 20  
C46 "C2'" "H2'2" sing N N 21  
C46 "C1'" N1     sing N N 22  
C46 "C1'" "H1'"  sing N N 23  
C46 N1    C2     sing N N 24  
C46 N1    C6     sing N N 25  
C46 C2    O2     doub N N 26  
C46 C2    N3     sing N N 27  
C46 N3    C4     doub N N 28  
C46 C4    N4     sing N N 29  
C46 C4    C5     sing N N 30  
C46 N4    O4     sing N N 31  
C46 N4    H4     sing N N 32  
C46 C5    C6     doub N N 33  
C46 C5    CM5    sing N N 34  
C46 C6    H6     sing N N 35  
C46 CM5   C7     sing N N 36  
C46 CM5   HM51   sing N N 37  
C46 CM5   HM52   sing N N 38  
C46 O4    C7     sing N N 39  
C46 C7    H7C1   sing N N 40  
C46 C7    H7C2   sing N N 41  
DA  OP3   P      sing N N 42  
DA  OP3   HOP3   sing N N 43  
DA  P     OP1    doub N N 44  
DA  P     OP2    sing N N 45  
DA  P     "O5'"  sing N N 46  
DA  OP2   HOP2   sing N N 47  
DA  "O5'" "C5'"  sing N N 48  
DA  "C5'" "C4'"  sing N N 49  
DA  "C5'" "H5'"  sing N N 50  
DA  "C5'" "H5''" sing N N 51  
DA  "C4'" "O4'"  sing N N 52  
DA  "C4'" "C3'"  sing N N 53  
DA  "C4'" "H4'"  sing N N 54  
DA  "O4'" "C1'"  sing N N 55  
DA  "C3'" "O3'"  sing N N 56  
DA  "C3'" "C2'"  sing N N 57  
DA  "C3'" "H3'"  sing N N 58  
DA  "O3'" "HO3'" sing N N 59  
DA  "C2'" "C1'"  sing N N 60  
DA  "C2'" "H2'"  sing N N 61  
DA  "C2'" "H2''" sing N N 62  
DA  "C1'" N9     sing N N 63  
DA  "C1'" "H1'"  sing N N 64  
DA  N9    C8     sing Y N 65  
DA  N9    C4     sing Y N 66  
DA  C8    N7     doub Y N 67  
DA  C8    H8     sing N N 68  
DA  N7    C5     sing Y N 69  
DA  C5    C6     sing Y N 70  
DA  C5    C4     doub Y N 71  
DA  C6    N6     sing N N 72  
DA  C6    N1     doub Y N 73  
DA  N6    H61    sing N N 74  
DA  N6    H62    sing N N 75  
DA  N1    C2     sing Y N 76  
DA  C2    N3     doub Y N 77  
DA  C2    H2     sing N N 78  
DA  N3    C4     sing Y N 79  
DC  OP3   P      sing N N 80  
DC  OP3   HOP3   sing N N 81  
DC  P     OP1    doub N N 82  
DC  P     OP2    sing N N 83  
DC  P     "O5'"  sing N N 84  
DC  OP2   HOP2   sing N N 85  
DC  "O5'" "C5'"  sing N N 86  
DC  "C5'" "C4'"  sing N N 87  
DC  "C5'" "H5'"  sing N N 88  
DC  "C5'" "H5''" sing N N 89  
DC  "C4'" "O4'"  sing N N 90  
DC  "C4'" "C3'"  sing N N 91  
DC  "C4'" "H4'"  sing N N 92  
DC  "O4'" "C1'"  sing N N 93  
DC  "C3'" "O3'"  sing N N 94  
DC  "C3'" "C2'"  sing N N 95  
DC  "C3'" "H3'"  sing N N 96  
DC  "O3'" "HO3'" sing N N 97  
DC  "C2'" "C1'"  sing N N 98  
DC  "C2'" "H2'"  sing N N 99  
DC  "C2'" "H2''" sing N N 100 
DC  "C1'" N1     sing N N 101 
DC  "C1'" "H1'"  sing N N 102 
DC  N1    C2     sing N N 103 
DC  N1    C6     sing N N 104 
DC  C2    O2     doub N N 105 
DC  C2    N3     sing N N 106 
DC  N3    C4     doub N N 107 
DC  C4    N4     sing N N 108 
DC  C4    C5     sing N N 109 
DC  N4    H41    sing N N 110 
DC  N4    H42    sing N N 111 
DC  C5    C6     doub N N 112 
DC  C5    H5     sing N N 113 
DC  C6    H6     sing N N 114 
DG  OP3   P      sing N N 115 
DG  OP3   HOP3   sing N N 116 
DG  P     OP1    doub N N 117 
DG  P     OP2    sing N N 118 
DG  P     "O5'"  sing N N 119 
DG  OP2   HOP2   sing N N 120 
DG  "O5'" "C5'"  sing N N 121 
DG  "C5'" "C4'"  sing N N 122 
DG  "C5'" "H5'"  sing N N 123 
DG  "C5'" "H5''" sing N N 124 
DG  "C4'" "O4'"  sing N N 125 
DG  "C4'" "C3'"  sing N N 126 
DG  "C4'" "H4'"  sing N N 127 
DG  "O4'" "C1'"  sing N N 128 
DG  "C3'" "O3'"  sing N N 129 
DG  "C3'" "C2'"  sing N N 130 
DG  "C3'" "H3'"  sing N N 131 
DG  "O3'" "HO3'" sing N N 132 
DG  "C2'" "C1'"  sing N N 133 
DG  "C2'" "H2'"  sing N N 134 
DG  "C2'" "H2''" sing N N 135 
DG  "C1'" N9     sing N N 136 
DG  "C1'" "H1'"  sing N N 137 
DG  N9    C8     sing Y N 138 
DG  N9    C4     sing Y N 139 
DG  C8    N7     doub Y N 140 
DG  C8    H8     sing N N 141 
DG  N7    C5     sing Y N 142 
DG  C5    C6     sing N N 143 
DG  C5    C4     doub Y N 144 
DG  C6    O6     doub N N 145 
DG  C6    N1     sing N N 146 
DG  N1    C2     sing N N 147 
DG  N1    H1     sing N N 148 
DG  C2    N2     sing N N 149 
DG  C2    N3     doub N N 150 
DG  N2    H21    sing N N 151 
DG  N2    H22    sing N N 152 
DG  N3    C4     sing N N 153 
HOH O     H1     sing N N 154 
HOH O     H2     sing N N 155 
# 
loop_
_ndb_struct_conf_na.entry_id 
_ndb_struct_conf_na.feature 
417D 'z-form double helix'  
417D 'mismatched base pair' 
# 
loop_
_ndb_struct_na_base_pair.model_number 
_ndb_struct_na_base_pair.i_label_asym_id 
_ndb_struct_na_base_pair.i_label_comp_id 
_ndb_struct_na_base_pair.i_label_seq_id 
_ndb_struct_na_base_pair.i_symmetry 
_ndb_struct_na_base_pair.j_label_asym_id 
_ndb_struct_na_base_pair.j_label_comp_id 
_ndb_struct_na_base_pair.j_label_seq_id 
_ndb_struct_na_base_pair.j_symmetry 
_ndb_struct_na_base_pair.shear 
_ndb_struct_na_base_pair.stretch 
_ndb_struct_na_base_pair.stagger 
_ndb_struct_na_base_pair.buckle 
_ndb_struct_na_base_pair.propeller 
_ndb_struct_na_base_pair.opening 
_ndb_struct_na_base_pair.pair_number 
_ndb_struct_na_base_pair.pair_name 
_ndb_struct_na_base_pair.i_auth_asym_id 
_ndb_struct_na_base_pair.i_auth_seq_id 
_ndb_struct_na_base_pair.i_PDB_ins_code 
_ndb_struct_na_base_pair.j_auth_asym_id 
_ndb_struct_na_base_pair.j_auth_seq_id 
_ndb_struct_na_base_pair.j_PDB_ins_code 
_ndb_struct_na_base_pair.hbond_type_28 
_ndb_struct_na_base_pair.hbond_type_12 
1 A DC  1 1_555 B DG  6 1_555 -0.345 -0.119 0.020  6.314  0.330  -0.229 1 A_DC1:DG12_B  A 1 ? B 12 ? 19 1 
1 A DA  2 1_555 B C46 5 1_555 2.659  -0.464 0.098  -6.673 2.624  -6.604 2 A_DA2:C4611_B A 2 ? B 11 ? ?  ? 
1 A DC  3 1_555 B DG  4 1_555 -0.302 -0.041 -0.013 4.267  3.148  0.859  3 A_DC3:DG10_B  A 3 ? B 10 ? 19 1 
1 A DG  4 1_555 B DC  3 1_555 0.234  -0.102 0.014  -5.902 4.069  0.985  4 A_DG4:DC9_B   A 4 ? B 9  ? 19 1 
1 A C46 5 1_555 B DA  2 1_555 -2.420 -0.415 -0.034 8.157  2.034  -5.506 5 A_C465:DA8_B  A 5 ? B 8  ? ?  ? 
1 A DG  6 1_555 B DC  1 1_555 0.254  -0.081 0.225  -2.914 -1.983 0.750  6 A_DG6:DC7_B   A 6 ? B 7  ? 19 1 
# 
loop_
_ndb_struct_na_base_pair_step.model_number 
_ndb_struct_na_base_pair_step.i_label_asym_id_1 
_ndb_struct_na_base_pair_step.i_label_comp_id_1 
_ndb_struct_na_base_pair_step.i_label_seq_id_1 
_ndb_struct_na_base_pair_step.i_symmetry_1 
_ndb_struct_na_base_pair_step.j_label_asym_id_1 
_ndb_struct_na_base_pair_step.j_label_comp_id_1 
_ndb_struct_na_base_pair_step.j_label_seq_id_1 
_ndb_struct_na_base_pair_step.j_symmetry_1 
_ndb_struct_na_base_pair_step.i_label_asym_id_2 
_ndb_struct_na_base_pair_step.i_label_comp_id_2 
_ndb_struct_na_base_pair_step.i_label_seq_id_2 
_ndb_struct_na_base_pair_step.i_symmetry_2 
_ndb_struct_na_base_pair_step.j_label_asym_id_2 
_ndb_struct_na_base_pair_step.j_label_comp_id_2 
_ndb_struct_na_base_pair_step.j_label_seq_id_2 
_ndb_struct_na_base_pair_step.j_symmetry_2 
_ndb_struct_na_base_pair_step.shift 
_ndb_struct_na_base_pair_step.slide 
_ndb_struct_na_base_pair_step.rise 
_ndb_struct_na_base_pair_step.tilt 
_ndb_struct_na_base_pair_step.roll 
_ndb_struct_na_base_pair_step.twist 
_ndb_struct_na_base_pair_step.x_displacement 
_ndb_struct_na_base_pair_step.y_displacement 
_ndb_struct_na_base_pair_step.helical_rise 
_ndb_struct_na_base_pair_step.inclination 
_ndb_struct_na_base_pair_step.tip 
_ndb_struct_na_base_pair_step.helical_twist 
_ndb_struct_na_base_pair_step.step_number 
_ndb_struct_na_base_pair_step.step_name 
_ndb_struct_na_base_pair_step.i_auth_asym_id_1 
_ndb_struct_na_base_pair_step.i_auth_seq_id_1 
_ndb_struct_na_base_pair_step.i_PDB_ins_code_1 
_ndb_struct_na_base_pair_step.j_auth_asym_id_1 
_ndb_struct_na_base_pair_step.j_auth_seq_id_1 
_ndb_struct_na_base_pair_step.j_PDB_ins_code_1 
_ndb_struct_na_base_pair_step.i_auth_asym_id_2 
_ndb_struct_na_base_pair_step.i_auth_seq_id_2 
_ndb_struct_na_base_pair_step.i_PDB_ins_code_2 
_ndb_struct_na_base_pair_step.j_auth_asym_id_2 
_ndb_struct_na_base_pair_step.j_auth_seq_id_2 
_ndb_struct_na_base_pair_step.j_PDB_ins_code_2 
1 A DC  1 1_555 B DG  6 1_555 A DA  2 1_555 B C46 5 1_555 -0.022 5.036  3.767 1.642  -1.687 2.014   114.270 20.971  -0.303 -35.436 
-34.493 3.098   1 AA_DC1DA2:C4611DG12_BB A 1 ? B 12 ? A 2 ? B 11 ? 
1 A DA  2 1_555 B C46 5 1_555 A DC  3 1_555 B DG  4 1_555 0.238  -0.241 3.179 -1.796 -5.585 -60.050 0.505   0.151   3.152  5.567   
-1.790  -60.309 2 AA_DA2DC3:DG10C4611_BB A 2 ? B 11 ? A 3 ? B 10 ? 
1 A DC  3 1_555 B DG  4 1_555 A DG  4 1_555 B DC  3 1_555 0.018  5.404  3.715 0.273  -4.454 -9.336  -18.212 0.824   5.674  25.536  
1.568   -10.345 3 AA_DC3DG4:DC9DG10_BB   A 3 ? B 10 ? A 4 ? B 9  ? 
1 A DG  4 1_555 B DC  3 1_555 A C46 5 1_555 B DA  2 1_555 -0.291 -0.383 3.176 2.426  -1.901 -62.123 0.456   -0.174  3.173  1.841   
2.349   -62.191 4 AA_DG4C465:DA8DC9_BB   A 4 ? B 9  ? A 5 ? B 8  ? 
1 A C46 5 1_555 B DA  2 1_555 A DG  6 1_555 B DC  1 1_555 -0.049 5.095  3.693 -3.110 -2.839 1.531   75.805  -11.028 -1.933 -47.219 
51.723  4.481   5 AA_C465DG6:DC7DA8_BB   A 5 ? B 8  ? A 6 ? B 7  ? 
# 
_pdbx_initial_refinement_model.accession_code   ? 
_pdbx_initial_refinement_model.id               1 
_pdbx_initial_refinement_model.entity_id_list   ? 
_pdbx_initial_refinement_model.type             'experimental model' 
_pdbx_initial_refinement_model.source_name      Other 
_pdbx_initial_refinement_model.details          'Z-DNA hexamer d(CGCGPG)' 
# 
_atom_sites.entry_id                    417D 
_atom_sites.Cartn_transform_axes        ? 
_atom_sites.fract_transf_matrix[1][1]   0.04790652 
_atom_sites.fract_transf_matrix[1][2]   0.02451777 
_atom_sites.fract_transf_matrix[1][3]   -0.02074803 
_atom_sites.fract_transf_matrix[2][1]   -0.01541664 
_atom_sites.fract_transf_matrix[2][2]   0.02768006 
_atom_sites.fract_transf_matrix[2][3]   -0.00288723 
_atom_sites.fract_transf_matrix[3][1]   0.00616819 
_atom_sites.fract_transf_matrix[3][2]   0.00561281 
_atom_sites.fract_transf_matrix[3][3]   0.02087475 
_atom_sites.fract_transf_vector[1]      0.272701 
_atom_sites.fract_transf_vector[2]      0.002838 
_atom_sites.fract_transf_vector[3]      0.123872 
# 
loop_
_atom_type.symbol 
C 
N 
O 
P 
# 
loop_
_atom_site.group_PDB 
_atom_site.id 
_atom_site.type_symbol 
_atom_site.label_atom_id 
_atom_site.label_alt_id 
_atom_site.label_comp_id 
_atom_site.label_asym_id 
_atom_site.label_entity_id 
_atom_site.label_seq_id 
_atom_site.pdbx_PDB_ins_code 
_atom_site.Cartn_x 
_atom_site.Cartn_y 
_atom_site.Cartn_z 
_atom_site.occupancy 
_atom_site.B_iso_or_equiv 
_atom_site.pdbx_formal_charge 
_atom_site.auth_seq_id 
_atom_site.auth_comp_id 
_atom_site.auth_asym_id 
_atom_site.auth_atom_id 
_atom_site.pdbx_PDB_model_num 
ATOM   1   O "O5'" . DC  A 1 1 ? 1.293   1.944   -10.835 1.00 13.83 ? 1  DC  A "O5'" 1 
ATOM   2   C "C5'" . DC  A 1 1 ? 2.180   1.359   -9.925  1.00 12.18 ? 1  DC  A "C5'" 1 
ATOM   3   C "C4'" . DC  A 1 1 ? 1.660   0.144   -9.295  1.00 12.25 ? 1  DC  A "C4'" 1 
ATOM   4   O "O4'" . DC  A 1 1 ? 0.492   0.386   -8.554  1.00 11.71 ? 1  DC  A "O4'" 1 
ATOM   5   C "C3'" . DC  A 1 1 ? 1.219   -0.978  -10.264 1.00 12.05 ? 1  DC  A "C3'" 1 
ATOM   6   O "O3'" . DC  A 1 1 ? 1.547   -2.251  -9.670  1.00 18.23 ? 1  DC  A "O3'" 1 
ATOM   7   C "C2'" . DC  A 1 1 ? -0.226  -0.867  -10.330 1.00 11.48 ? 1  DC  A "C2'" 1 
ATOM   8   C "C1'" . DC  A 1 1 ? -0.578  -0.452  -8.937  1.00 11.29 ? 1  DC  A "C1'" 1 
ATOM   9   N N1    . DC  A 1 1 ? -1.804  0.267   -8.874  1.00 10.71 ? 1  DC  A N1    1 
ATOM   10  C C2    . DC  A 1 1 ? -2.938  -0.511  -8.588  1.00 9.06  ? 1  DC  A C2    1 
ATOM   11  O O2    . DC  A 1 1 ? -2.807  -1.711  -8.419  1.00 10.70 ? 1  DC  A O2    1 
ATOM   12  N N3    . DC  A 1 1 ? -4.124  0.129   -8.509  1.00 9.02  ? 1  DC  A N3    1 
ATOM   13  C C4    . DC  A 1 1 ? -4.259  1.431   -8.707  1.00 8.15  ? 1  DC  A C4    1 
ATOM   14  N N4    . DC  A 1 1 ? -5.458  1.965   -8.618  1.00 9.17  ? 1  DC  A N4    1 
ATOM   15  C C5    . DC  A 1 1 ? -3.113  2.216   -8.995  1.00 10.11 ? 1  DC  A C5    1 
ATOM   16  C C6    . DC  A 1 1 ? -1.926  1.592   -9.063  1.00 10.16 ? 1  DC  A C6    1 
ATOM   17  P P     . DA  A 1 2 ? 2.866   -3.092  -10.002 1.00 19.10 ? 2  DA  A P     1 
ATOM   18  O OP1   . DA  A 1 2 ? 3.072   -3.121  -11.493 1.00 19.86 ? 2  DA  A OP1   1 
ATOM   19  O OP2   . DA  A 1 2 ? 2.735   -4.422  -9.330  1.00 19.71 ? 2  DA  A OP2   1 
ATOM   20  O "O5'" . DA  A 1 2 ? 4.080   -2.274  -9.323  1.00 18.64 ? 2  DA  A "O5'" 1 
ATOM   21  C "C5'" . DA  A 1 2 ? 4.149   -2.120  -7.961  1.00 16.92 ? 2  DA  A "C5'" 1 
ATOM   22  C "C4'" . DA  A 1 2 ? 5.128   -1.110  -7.535  1.00 17.14 ? 2  DA  A "C4'" 1 
ATOM   23  O "O4'" . DA  A 1 2 ? 4.726   0.198   -7.808  1.00 16.21 ? 2  DA  A "O4'" 1 
ATOM   24  C "C3'" . DA  A 1 2 ? 5.270   -1.084  -5.979  1.00 17.24 ? 2  DA  A "C3'" 1 
ATOM   25  O "O3'" . DA  A 1 2 ? 6.362   -1.963  -5.679  1.00 19.60 ? 2  DA  A "O3'" 1 
ATOM   26  C "C2'" . DA  A 1 2 ? 5.599   0.254   -5.675  1.00 16.77 ? 2  DA  A "C2'" 1 
ATOM   27  C "C1'" . DA  A 1 2 ? 4.950   1.096   -6.707  1.00 14.93 ? 2  DA  A "C1'" 1 
ATOM   28  N N9    . DA  A 1 2 ? 3.674   1.648   -6.532  1.00 13.96 ? 2  DA  A N9    1 
ATOM   29  C C8    . DA  A 1 2 ? 3.434   2.989   -6.770  1.00 13.62 ? 2  DA  A C8    1 
ATOM   30  N N7    . DA  A 1 2 ? 2.187   3.367   -6.564  1.00 13.01 ? 2  DA  A N7    1 
ATOM   31  C C5    . DA  A 1 2 ? 1.576   2.182   -6.180  1.00 11.92 ? 2  DA  A C5    1 
ATOM   32  C C6    . DA  A 1 2 ? 0.246   1.955   -5.843  1.00 11.96 ? 2  DA  A C6    1 
ATOM   33  N N6    . DA  A 1 2 ? -0.717  2.868   -5.819  1.00 13.11 ? 2  DA  A N6    1 
ATOM   34  N N1    . DA  A 1 2 ? -0.024  0.655   -5.512  1.00 11.92 ? 2  DA  A N1    1 
ATOM   35  C C2    . DA  A 1 2 ? 0.935   -0.320  -5.516  1.00 11.63 ? 2  DA  A C2    1 
ATOM   36  N N3    . DA  A 1 2 ? 2.176   -0.135  -5.825  1.00 11.16 ? 2  DA  A N3    1 
ATOM   37  C C4    . DA  A 1 2 ? 2.466   1.129   -6.156  1.00 12.07 ? 2  DA  A C4    1 
ATOM   38  P P     . DC  A 1 3 ? 6.350   -2.984  -4.468  1.00 21.03 ? 3  DC  A P     1 
ATOM   39  O OP1   . DC  A 1 3 ? 7.735   -3.421  -4.143  1.00 21.12 ? 3  DC  A OP1   1 
ATOM   40  O OP2   . DC  A 1 3 ? 5.527   -4.201  -4.942  1.00 21.19 ? 3  DC  A OP2   1 
ATOM   41  O "O5'" . DC  A 1 3 ? 5.604   -2.363  -3.208  1.00 18.41 ? 3  DC  A "O5'" 1 
ATOM   42  C "C5'" . DC  A 1 3 ? 5.725   -3.047  -1.985  1.00 16.65 ? 3  DC  A "C5'" 1 
ATOM   43  C "C4'" . DC  A 1 3 ? 4.378   -3.184  -1.402  1.00 12.55 ? 3  DC  A "C4'" 1 
ATOM   44  O "O4'" . DC  A 1 3 ? 3.843   -1.915  -1.114  1.00 10.94 ? 3  DC  A "O4'" 1 
ATOM   45  C "C3'" . DC  A 1 3 ? 3.337   -3.768  -2.390  1.00 13.13 ? 3  DC  A "C3'" 1 
ATOM   46  O "O3'" . DC  A 1 3 ? 2.501   -4.674  -1.645  1.00 13.44 ? 3  DC  A "O3'" 1 
ATOM   47  C "C2'" . DC  A 1 3 ? 2.556   -2.650  -2.857  1.00 12.51 ? 3  DC  A "C2'" 1 
ATOM   48  C "C1'" . DC  A 1 3 ? 2.550   -1.731  -1.655  1.00 9.97  ? 3  DC  A "C1'" 1 
ATOM   49  N N1    . DC  A 1 3 ? 2.388   -0.353  -2.034  1.00 8.16  ? 3  DC  A N1    1 
ATOM   50  C C2    . DC  A 1 3 ? 1.090   0.155   -2.020  1.00 8.28  ? 3  DC  A C2    1 
ATOM   51  O O2    . DC  A 1 3 ? 0.143   -0.530  -1.669  1.00 8.84  ? 3  DC  A O2    1 
ATOM   52  N N3    . DC  A 1 3 ? 0.908   1.467   -2.383  1.00 7.86  ? 3  DC  A N3    1 
ATOM   53  C C4    . DC  A 1 3 ? 1.953   2.213   -2.747  1.00 9.05  ? 3  DC  A C4    1 
ATOM   54  N N4    . DC  A 1 3 ? 1.703   3.472   -3.096  1.00 10.59 ? 3  DC  A N4    1 
ATOM   55  C C5    . DC  A 1 3 ? 3.275   1.686   -2.786  1.00 9.26  ? 3  DC  A C5    1 
ATOM   56  C C6    . DC  A 1 3 ? 3.444   0.399   -2.428  1.00 9.77  ? 3  DC  A C6    1 
ATOM   57  P P     . DG  A 1 4 ? 2.865   -6.231  -1.473  1.00 14.97 ? 4  DG  A P     1 
ATOM   58  O OP1   . DG  A 1 4 ? 3.403   -6.768  -2.758  1.00 15.73 ? 4  DG  A OP1   1 
ATOM   59  O OP2   . DG  A 1 4 ? 1.643   -6.910  -0.939  1.00 20.10 ? 4  DG  A OP2   1 
ATOM   60  O "O5'" . DG  A 1 4 ? 4.020   -6.288  -0.348  1.00 15.51 ? 4  DG  A "O5'" 1 
ATOM   61  C "C5'" . DG  A 1 4 ? 3.719   -5.827  0.944   1.00 11.39 ? 4  DG  A "C5'" 1 
ATOM   62  C "C4'" . DG  A 1 4 ? 4.990   -5.892  1.713   1.00 10.90 ? 4  DG  A "C4'" 1 
ATOM   63  O "O4'" . DG  A 1 4 ? 5.946   -5.076  1.115   1.00 10.09 ? 4  DG  A "O4'" 1 
ATOM   64  C "C3'" . DG  A 1 4 ? 4.892   -5.270  3.126   1.00 11.82 ? 4  DG  A "C3'" 1 
ATOM   65  O "O3'" . DG  A 1 4 ? 4.579   -6.332  4.030   1.00 12.50 ? 4  DG  A "O3'" 1 
ATOM   66  C "C2'" . DG  A 1 4 ? 6.193   -4.742  3.391   1.00 10.67 ? 4  DG  A "C2'" 1 
ATOM   67  C "C1'" . DG  A 1 4 ? 6.775   -4.387  2.061   1.00 10.50 ? 4  DG  A "C1'" 1 
ATOM   68  N N9    . DG  A 1 4 ? 6.749   -3.047  1.647   1.00 9.59  ? 4  DG  A N9    1 
ATOM   69  C C8    . DG  A 1 4 ? 7.827   -2.358  1.155   1.00 9.15  ? 4  DG  A C8    1 
ATOM   70  N N7    . DG  A 1 4 ? 7.582   -1.108  0.822   1.00 9.07  ? 4  DG  A N7    1 
ATOM   71  C C5    . DG  A 1 4 ? 6.232   -0.968  1.123   1.00 8.48  ? 4  DG  A C5    1 
ATOM   72  C C6    . DG  A 1 4 ? 5.412   0.170   0.974   1.00 8.32  ? 4  DG  A C6    1 
ATOM   73  O O6    . DG  A 1 4 ? 5.741   1.266   0.544   1.00 10.94 ? 4  DG  A O6    1 
ATOM   74  N N1    . DG  A 1 4 ? 4.112   -0.063  1.384   1.00 8.63  ? 4  DG  A N1    1 
ATOM   75  C C2    . DG  A 1 4 ? 3.691   -1.289  1.871   1.00 8.54  ? 4  DG  A C2    1 
ATOM   76  N N2    . DG  A 1 4 ? 2.421   -1.402  2.229   1.00 9.12  ? 4  DG  A N2    1 
ATOM   77  N N3    . DG  A 1 4 ? 4.448   -2.358  2.017   1.00 8.28  ? 4  DG  A N3    1 
ATOM   78  C C4    . DG  A 1 4 ? 5.716   -2.129  1.619   1.00 8.73  ? 4  DG  A C4    1 
HETATM 79  P P     . C46 A 1 5 ? 3.254   -6.334  4.924   1.00 13.48 ? 5  C46 A P     1 
HETATM 80  O O1P   . C46 A 1 5 ? 3.230   -7.591  5.746   1.00 16.24 ? 5  C46 A O1P   1 
HETATM 81  O O2P   . C46 A 1 5 ? 2.060   -6.075  4.069   1.00 14.00 ? 5  C46 A O2P   1 
HETATM 82  O "O5'" . C46 A 1 5 ? 3.453   -5.114  5.979   1.00 12.63 ? 5  C46 A "O5'" 1 
HETATM 83  C "C5'" . C46 A 1 5 ? 2.951   -4.974  7.265   1.00 12.16 ? 5  C46 A "C5'" 1 
HETATM 84  C "C4'" . C46 A 1 5 ? 2.309   -3.663  7.464   1.00 11.53 ? 5  C46 A "C4'" 1 
HETATM 85  O "O4'" . C46 A 1 5 ? 3.261   -2.633  7.377   1.00 10.94 ? 5  C46 A "O4'" 1 
HETATM 86  C "C3'" . C46 A 1 5 ? 1.302   -3.270  6.363   1.00 11.51 ? 5  C46 A "C3'" 1 
HETATM 87  O "O3'" . C46 A 1 5 ? 0.221   -2.584  7.007   1.00 11.11 ? 5  C46 A "O3'" 1 
HETATM 88  C "C2'" . C46 A 1 5 ? 2.037   -2.383  5.483   1.00 10.88 ? 5  C46 A "C2'" 1 
HETATM 89  C "C1'" . C46 A 1 5 ? 2.903   -1.617  6.447   1.00 10.85 ? 5  C46 A "C1'" 1 
HETATM 90  N N1    . C46 A 1 5 ? 4.170   -1.111  5.849   1.00 10.27 ? 5  C46 A N1    1 
HETATM 91  C C2    . C46 A 1 5 ? 4.181   0.101   5.182   1.00 10.16 ? 5  C46 A C2    1 
HETATM 92  O O2    . C46 A 1 5 ? 3.077   0.701   5.155   1.00 10.69 ? 5  C46 A O2    1 
HETATM 93  N N3    . C46 A 1 5 ? 5.365   0.515   4.648   1.00 10.09 ? 5  C46 A N3    1 
HETATM 94  C C4    . C46 A 1 5 ? 6.432   -0.300  4.809   1.00 11.36 ? 5  C46 A C4    1 
HETATM 95  N N4    . C46 A 1 5 ? 7.651   0.079   4.281   1.00 13.59 ? 5  C46 A N4    1 
HETATM 96  C C5    . C46 A 1 5 ? 6.358   -1.546  5.496   1.00 11.80 ? 5  C46 A C5    1 
HETATM 97  C C6    . C46 A 1 5 ? 5.221   -1.954  6.014   1.00 11.22 ? 5  C46 A C6    1 
HETATM 98  C CM5   . C46 A 1 5 ? 7.641   -2.377  5.749   1.00 14.85 ? 5  C46 A CM5   1 
HETATM 99  O O4    . C46 A 1 5 ? 8.751   -0.691  4.416   1.00 15.79 ? 5  C46 A O4    1 
HETATM 100 C C7    . C46 A 1 5 ? 8.364   -2.039  4.505   1.00 15.73 ? 5  C46 A C7    1 
ATOM   101 P P     . DG  A 1 6 ? -1.161  -3.245  7.504   1.00 12.58 ? 6  DG  A P     1 
ATOM   102 O OP1   . DG  A 1 6 ? -1.750  -4.066  6.420   1.00 12.92 ? 6  DG  A OP1   1 
ATOM   103 O OP2   . DG  A 1 6 ? -1.975  -2.133  8.080   1.00 12.69 ? 6  DG  A OP2   1 
ATOM   104 O "O5'" . DG  A 1 6 ? -0.742  -4.268  8.700   1.00 12.15 ? 6  DG  A "O5'" 1 
ATOM   105 C "C5'" . DG  A 1 6 ? -0.611  -3.907  10.038  1.00 10.98 ? 6  DG  A "C5'" 1 
ATOM   106 C "C4'" . DG  A 1 6 ? -0.126  -5.028  10.848  1.00 9.84  ? 6  DG  A "C4'" 1 
ATOM   107 O "O4'" . DG  A 1 6 ? 1.220   -5.331  10.565  1.00 9.65  ? 6  DG  A "O4'" 1 
ATOM   108 C "C3'" . DG  A 1 6 ? -0.075  -4.708  12.370  1.00 9.76  ? 6  DG  A "C3'" 1 
ATOM   109 O "O3'" . DG  A 1 6 ? -0.339  -5.914  13.095  1.00 10.03 ? 6  DG  A "O3'" 1 
ATOM   110 C "C2'" . DG  A 1 6 ? 1.272   -4.266  12.599  1.00 9.49  ? 6  DG  A "C2'" 1 
ATOM   111 C "C1'" . DG  A 1 6 ? 2.081   -5.122  11.687  1.00 9.45  ? 6  DG  A "C1'" 1 
ATOM   112 N N9    . DG  A 1 6 ? 3.247   -4.563  11.132  1.00 7.37  ? 6  DG  A N9    1 
ATOM   113 C C8    . DG  A 1 6 ? 4.426   -5.270  11.001  1.00 7.60  ? 6  DG  A C8    1 
ATOM   114 N N7    . DG  A 1 6 ? 5.350   -4.558  10.467  1.00 7.81  ? 6  DG  A N7    1 
ATOM   115 C C5    . DG  A 1 6 ? 4.779   -3.312  10.226  1.00 7.00  ? 6  DG  A C5    1 
ATOM   116 C C6    . DG  A 1 6 ? 5.278   -2.114  9.665   1.00 7.02  ? 6  DG  A C6    1 
ATOM   117 O O6    . DG  A 1 6 ? 6.433   -1.903  9.227   1.00 8.78  ? 6  DG  A O6    1 
ATOM   118 N N1    . DG  A 1 6 ? 4.356   -1.069  9.599   1.00 7.92  ? 6  DG  A N1    1 
ATOM   119 C C2    . DG  A 1 6 ? 3.062   -1.183  10.041  1.00 7.18  ? 6  DG  A C2    1 
ATOM   120 N N2    . DG  A 1 6 ? 2.342   -0.071  9.890   1.00 9.92  ? 6  DG  A N2    1 
ATOM   121 N N3    . DG  A 1 6 ? 2.587   -2.290  10.569  1.00 7.17  ? 6  DG  A N3    1 
ATOM   122 C C4    . DG  A 1 6 ? 3.480   -3.301  10.633  1.00 7.01  ? 6  DG  A C4    1 
ATOM   123 O "O5'" . DC  B 1 1 ? 5.771   7.409   6.793   1.00 14.28 ? 7  DC  B "O5'" 1 
ATOM   124 C "C5'" . DC  B 1 1 ? 4.703   7.579   5.930   1.00 13.28 ? 7  DC  B "C5'" 1 
ATOM   125 C "C4'" . DC  B 1 1 ? 3.598   6.673   6.286   1.00 11.25 ? 7  DC  B "C4'" 1 
ATOM   126 O "O4'" . DC  B 1 1 ? 3.975   5.352   6.112   1.00 10.59 ? 7  DC  B "O4'" 1 
ATOM   127 C "C3'" . DC  B 1 1 ? 3.212   6.734   7.791   1.00 11.45 ? 7  DC  B "C3'" 1 
ATOM   128 O "O3'" . DC  B 1 1 ? 1.766   6.596   7.850   1.00 11.18 ? 7  DC  B "O3'" 1 
ATOM   129 C "C2'" . DC  B 1 1 ? 3.808   5.555   8.385   1.00 10.77 ? 7  DC  B "C2'" 1 
ATOM   130 C "C1'" . DC  B 1 1 ? 3.732   4.537   7.264   1.00 9.84  ? 7  DC  B "C1'" 1 
ATOM   131 N N1    . DC  B 1 1 ? 4.726   3.521   7.391   1.00 7.73  ? 7  DC  B N1    1 
ATOM   132 C C2    . DC  B 1 1 ? 4.346   2.319   7.975   1.00 7.39  ? 7  DC  B C2    1 
ATOM   133 O O2    . DC  B 1 1 ? 3.193   2.127   8.396   1.00 7.88  ? 7  DC  B O2    1 
ATOM   134 N N3    . DC  B 1 1 ? 5.276   1.349   8.099   1.00 8.13  ? 7  DC  B N3    1 
ATOM   135 C C4    . DC  B 1 1 ? 6.506   1.514   7.685   1.00 8.38  ? 7  DC  B C4    1 
ATOM   136 N N4    . DC  B 1 1 ? 7.356   0.509   7.842   1.00 10.21 ? 7  DC  B N4    1 
ATOM   137 C C5    . DC  B 1 1 ? 6.921   2.714   7.069   1.00 8.36  ? 7  DC  B C5    1 
ATOM   138 C C6    . DC  B 1 1 ? 5.991   3.677   6.947   1.00 7.94  ? 7  DC  B C6    1 
ATOM   139 P P     . DA  B 1 2 ? 0.728   7.833   7.869   1.00 11.72 ? 8  DA  B P     1 
ATOM   140 O OP1   . DA  B 1 2 ? 1.217   8.869   8.809   1.00 13.33 ? 8  DA  B OP1   1 
ATOM   141 O OP2   . DA  B 1 2 ? -0.613  7.283   8.208   1.00 15.78 ? 8  DA  B OP2   1 
ATOM   142 O "O5'" . DA  B 1 2 ? 0.723   8.409   6.380   1.00 11.66 ? 8  DA  B "O5'" 1 
ATOM   143 C "C5'" . DA  B 1 2 ? 0.172   7.656   5.339   1.00 11.14 ? 8  DA  B "C5'" 1 
ATOM   144 C "C4'" . DA  B 1 2 ? 0.498   8.294   4.052   1.00 10.80 ? 8  DA  B "C4'" 1 
ATOM   145 O "O4'" . DA  B 1 2 ? 1.873   8.341   3.812   1.00 11.04 ? 8  DA  B "O4'" 1 
ATOM   146 C "C3'" . DA  B 1 2 ? -0.038  7.512   2.833   1.00 12.07 ? 8  DA  B "C3'" 1 
ATOM   147 O "O3'" . DA  B 1 2 ? -1.290  8.119   2.491   1.00 12.57 ? 8  DA  B "O3'" 1 
ATOM   148 C "C2'" . DA  B 1 2 ? 0.923   7.706   1.785   1.00 11.56 ? 8  DA  B "C2'" 1 
ATOM   149 C "C1'" . DA  B 1 2 ? 2.213   8.024   2.470   1.00 11.63 ? 8  DA  B "C1'" 1 
ATOM   150 N N9    . DA  B 1 2 ? 3.136   6.990   2.599   1.00 9.99  ? 8  DA  B N9    1 
ATOM   151 C C8    . DA  B 1 2 ? 4.460   7.100   2.213   1.00 11.55 ? 8  DA  B C8    1 
ATOM   152 N N7    . DA  B 1 2 ? 5.141   5.989   2.435   1.00 10.86 ? 8  DA  B N7    1 
ATOM   153 C C5    . DA  B 1 2 ? 4.214   5.125   2.985   1.00 9.76  ? 8  DA  B C5    1 
ATOM   154 C C6    . DA  B 1 2 ? 4.368   3.798   3.424   1.00 9.54  ? 8  DA  B C6    1 
ATOM   155 N N6    . DA  B 1 2 ? 5.490   3.122   3.371   1.00 12.91 ? 8  DA  B N6    1 
ATOM   156 N N1    . DA  B 1 2 ? 3.233   3.236   3.916   1.00 8.75  ? 8  DA  B N1    1 
ATOM   157 C C2    . DA  B 1 2 ? 2.085   3.932   3.969   1.00 9.31  ? 8  DA  B C2    1 
ATOM   158 N N3    . DA  B 1 2 ? 1.872   5.160   3.588   1.00 9.65  ? 8  DA  B N3    1 
ATOM   159 C C4    . DA  B 1 2 ? 2.997   5.719   3.091   1.00 9.45  ? 8  DA  B C4    1 
ATOM   160 P P     . DC  B 1 3 ? -2.734  7.520   2.335   1.00 15.71 ? 9  DC  B P     1 
ATOM   161 O OP1   . DC  B 1 3 ? -3.648  8.361   1.489   1.00 13.39 ? 9  DC  B OP1   1 
ATOM   162 O OP2   . DC  B 1 3 ? -3.279  7.471   3.761   1.00 19.67 ? 9  DC  B OP2   1 
ATOM   163 O "O5'" . DC  B 1 3 ? -2.642  6.014   1.798   1.00 13.60 ? 9  DC  B "O5'" 1 
ATOM   164 C "C5'" . DC  B 1 3 ? -3.615  5.269   1.178   1.00 13.02 ? 9  DC  B "C5'" 1 
ATOM   165 C "C4'" . DC  B 1 3 ? -3.370  3.834   1.397   1.00 10.23 ? 9  DC  B "C4'" 1 
ATOM   166 O "O4'" . DC  B 1 3 ? -2.226  3.438   0.700   1.00 9.14  ? 9  DC  B "O4'" 1 
ATOM   167 C "C3'" . DC  B 1 3 ? -3.027  3.451   2.863   1.00 10.22 ? 9  DC  B "C3'" 1 
ATOM   168 O "O3'" . DC  B 1 3 ? -3.778  2.253   3.177   1.00 11.17 ? 9  DC  B "O3'" 1 
ATOM   169 C "C2'" . DC  B 1 3 ? -1.618  3.202   2.872   1.00 9.48  ? 9  DC  B "C2'" 1 
ATOM   170 C "C1'" . DC  B 1 3 ? -1.360  2.635   1.493   1.00 9.22  ? 9  DC  B "C1'" 1 
ATOM   171 N N1    . DC  B 1 3 ? -0.003  2.878   1.084   1.00 8.32  ? 9  DC  B N1    1 
ATOM   172 C C2    . DC  B 1 3 ? 0.921   1.861   1.326   1.00 7.74  ? 9  DC  B C2    1 
ATOM   173 O O2    . DC  B 1 3 ? 0.571   0.812   1.893   1.00 8.31  ? 9  DC  B O2    1 
ATOM   174 N N3    . DC  B 1 3 ? 2.195   2.102   0.941   1.00 8.00  ? 9  DC  B N3    1 
ATOM   175 C C4    . DC  B 1 3 ? 2.521   3.257   0.342   1.00 8.08  ? 9  DC  B C4    1 
ATOM   176 N N4    . DC  B 1 3 ? 3.807   3.405   -0.013  1.00 9.53  ? 9  DC  B N4    1 
ATOM   177 C C5    . DC  B 1 3 ? 1.573   4.304   0.071   1.00 8.24  ? 9  DC  B C5    1 
ATOM   178 C C6    . DC  B 1 3 ? 0.304   4.055   0.471   1.00 7.89  ? 9  DC  B C6    1 
ATOM   179 P P     . DG  B 1 4 ? -5.254  2.145   3.797   1.00 12.13 ? 10 DG  B P     1 
ATOM   180 O OP1   . DG  B 1 4 ? -5.486  3.138   4.891   1.00 12.26 ? 10 DG  B OP1   1 
ATOM   181 O OP2   . DG  B 1 4 ? -5.431  0.708   4.201   1.00 14.58 ? 10 DG  B OP2   1 
ATOM   182 O "O5'" . DG  B 1 4 ? -6.294  2.465   2.614   1.00 12.21 ? 10 DG  B "O5'" 1 
ATOM   183 C "C5'" . DG  B 1 4 ? -6.381  1.625   1.510   1.00 11.98 ? 10 DG  B "C5'" 1 
ATOM   184 C "C4'" . DG  B 1 4 ? -7.177  2.266   0.462   1.00 12.05 ? 10 DG  B "C4'" 1 
ATOM   185 O "O4'" . DG  B 1 4 ? -6.637  3.482   0.049   1.00 11.63 ? 10 DG  B "O4'" 1 
ATOM   186 C "C3'" . DG  B 1 4 ? -7.216  1.433   -0.858  1.00 12.06 ? 10 DG  B "C3'" 1 
ATOM   187 O "O3'" . DG  B 1 4 ? -8.353  0.539   -0.722  1.00 12.79 ? 10 DG  B "O3'" 1 
ATOM   188 C "C2'" . DG  B 1 4 ? -7.399  2.409   -1.878  1.00 12.09 ? 10 DG  B "C2'" 1 
ATOM   189 C "C1'" . DG  B 1 4 ? -6.792  3.673   -1.364  1.00 11.63 ? 10 DG  B "C1'" 1 
ATOM   190 N N9    . DG  B 1 4 ? -5.518  4.055   -1.793  1.00 9.60  ? 10 DG  B N9    1 
ATOM   191 C C8    . DG  B 1 4 ? -5.229  5.322   -2.260  1.00 9.81  ? 10 DG  B C8    1 
ATOM   192 N N7    . DG  B 1 4 ? -3.981  5.491   -2.613  1.00 9.34  ? 10 DG  B N7    1 
ATOM   193 C C5    . DG  B 1 4 ? -3.395  4.253   -2.372  1.00 8.70  ? 10 DG  B C5    1 
ATOM   194 C C6    . DG  B 1 4 ? -2.080  3.802   -2.546  1.00 8.41  ? 10 DG  B C6    1 
ATOM   195 O O6    . DG  B 1 4 ? -1.082  4.392   -2.974  1.00 10.46 ? 10 DG  B O6    1 
ATOM   196 N N1    . DG  B 1 4 ? -1.948  2.471   -2.164  1.00 8.19  ? 10 DG  B N1    1 
ATOM   197 C C2    . DG  B 1 4 ? -2.935  1.683   -1.674  1.00 8.47  ? 10 DG  B C2    1 
ATOM   198 N N2    . DG  B 1 4 ? -2.604  0.435   -1.361  1.00 10.08 ? 10 DG  B N2    1 
ATOM   199 N N3    . DG  B 1 4 ? -4.185  2.092   -1.501  1.00 8.92  ? 10 DG  B N3    1 
ATOM   200 C C4    . DG  B 1 4 ? -4.328  3.385   -1.871  1.00 9.58  ? 10 DG  B C4    1 
HETATM 201 P P     . C46 B 1 5 ? -8.241  -1.040  -1.014  1.00 12.24 ? 11 C46 B P     1 
HETATM 202 O O1P   . C46 B 1 5 ? -9.603  -1.640  -0.901  1.00 14.92 ? 11 C46 B O1P   1 
HETATM 203 O O2P   . C46 B 1 5 ? -7.190  -1.658  -0.182  1.00 13.71 ? 11 C46 B O2P   1 
HETATM 204 O "O5'" . C46 B 1 5 ? -7.780  -1.072  -2.571  1.00 11.55 ? 11 C46 B "O5'" 1 
HETATM 205 C "C5'" . C46 B 1 5 ? -7.992  -2.186  -3.373  1.00 11.21 ? 11 C46 B "C5'" 1 
HETATM 206 C "C4'" . C46 B 1 5 ? -6.778  -2.650  -4.024  1.00 10.76 ? 11 C46 B "C4'" 1 
HETATM 207 O "O4'" . C46 B 1 5 ? -6.306  -1.686  -4.924  1.00 10.22 ? 11 C46 B "O4'" 1 
HETATM 208 C "C3'" . C46 B 1 5 ? -5.595  -2.835  -3.036  1.00 10.73 ? 11 C46 B "C3'" 1 
HETATM 209 O "O3'" . C46 B 1 5 ? -4.836  -3.995  -3.455  1.00 13.51 ? 11 C46 B "O3'" 1 
HETATM 210 C "C2'" . C46 B 1 5 ? -4.809  -1.649  -3.175  1.00 10.61 ? 11 C46 B "C2'" 1 
HETATM 211 C "C1'" . C46 B 1 5 ? -4.953  -1.340  -4.645  1.00 10.62 ? 11 C46 B "C1'" 1 
HETATM 212 N N1    . C46 B 1 5 ? -4.823  0.124   -4.943  1.00 9.87  ? 11 C46 B N1    1 
HETATM 213 C C2    . C46 B 1 5 ? -3.576  0.638   -5.154  1.00 9.93  ? 11 C46 B C2    1 
HETATM 214 O O2    . C46 B 1 5 ? -2.612  -0.141  -5.093  1.00 9.68  ? 11 C46 B O2    1 
HETATM 215 N N3    . C46 B 1 5 ? -3.486  1.963   -5.418  1.00 9.66  ? 11 C46 B N3    1 
HETATM 216 C C4    . C46 B 1 5 ? -4.586  2.708   -5.458  1.00 10.28 ? 11 C46 B C4    1 
HETATM 217 N N4    . C46 B 1 5 ? -4.418  4.061   -5.742  1.00 12.07 ? 11 C46 B N4    1 
HETATM 218 C C5    . C46 B 1 5 ? -5.890  2.172   -5.242  1.00 11.20 ? 11 C46 B C5    1 
HETATM 219 C C6    . C46 B 1 5 ? -5.978  0.841   -4.975  1.00 10.99 ? 11 C46 B C6    1 
HETATM 220 C CM5   . C46 B 1 5 ? -7.108  3.083   -5.303  1.00 12.99 ? 11 C46 B CM5   1 
HETATM 221 O O4    . C46 B 1 5 ? -5.547  4.728   -6.133  1.00 15.58 ? 11 C46 B O4    1 
HETATM 222 C C7    . C46 B 1 5 ? -6.540  4.439   -5.229  1.00 14.77 ? 11 C46 B C7    1 
ATOM   223 P P     . DG  B 1 6 ? -5.108  -5.476  -2.890  1.00 13.73 ? 12 DG  B P     1 
ATOM   224 O OP1   . DG  B 1 6 ? -5.093  -5.408  -1.381  1.00 15.15 ? 12 DG  B OP1   1 
ATOM   225 O OP2   . DG  B 1 6 ? -4.108  -6.409  -3.484  1.00 14.74 ? 12 DG  B OP2   1 
ATOM   226 O "O5'" . DG  B 1 6 ? -6.610  -5.874  -3.318  1.00 14.56 ? 12 DG  B "O5'" 1 
ATOM   227 C "C5'" . DG  B 1 6 ? -7.025  -6.518  -4.464  1.00 14.50 ? 12 DG  B "C5'" 1 
ATOM   228 C "C4'" . DG  B 1 6 ? -8.460  -6.537  -4.727  1.00 14.85 ? 12 DG  B "C4'" 1 
ATOM   229 O "O4'" . DG  B 1 6 ? -9.026  -5.281  -4.968  1.00 13.16 ? 12 DG  B "O4'" 1 
ATOM   230 C "C3'" . DG  B 1 6 ? -8.773  -7.317  -6.058  1.00 14.09 ? 12 DG  B "C3'" 1 
ATOM   231 O "O3'" . DG  B 1 6 ? -10.003 -8.043  -5.819  1.00 18.21 ? 12 DG  B "O3'" 1 
ATOM   232 C "C2'" . DG  B 1 6 ? -8.950  -6.282  -7.021  1.00 14.77 ? 12 DG  B "C2'" 1 
ATOM   233 C "C1'" . DG  B 1 6 ? -9.661  -5.208  -6.262  1.00 14.36 ? 12 DG  B "C1'" 1 
ATOM   234 N N9    . DG  B 1 6 ? -9.442  -3.864  -6.615  1.00 14.18 ? 12 DG  B N9    1 
ATOM   235 C C8    . DG  B 1 6 ? -10.361 -2.878  -6.603  1.00 14.75 ? 12 DG  B C8    1 
ATOM   236 N N7    . DG  B 1 6 ? -9.914  -1.694  -6.972  1.00 14.74 ? 12 DG  B N7    1 
ATOM   237 C C5    . DG  B 1 6 ? -8.582  -1.925  -7.251  1.00 13.30 ? 12 DG  B C5    1 
ATOM   238 C C6    . DG  B 1 6 ? -7.582  -1.043  -7.691  1.00 13.63 ? 12 DG  B C6    1 
ATOM   239 O O6    . DG  B 1 6 ? -7.615  0.173   -7.952  1.00 13.14 ? 12 DG  B O6    1 
ATOM   240 N N1    . DG  B 1 6 ? -6.393  -1.717  -7.840  1.00 13.03 ? 12 DG  B N1    1 
ATOM   241 C C2    . DG  B 1 6 ? -6.170  -3.047  -7.601  1.00 13.19 ? 12 DG  B C2    1 
ATOM   242 N N2    . DG  B 1 6 ? -4.932  -3.484  -7.810  1.00 15.62 ? 12 DG  B N2    1 
ATOM   243 N N3    . DG  B 1 6 ? -7.092  -3.883  -7.190  1.00 13.27 ? 12 DG  B N3    1 
ATOM   244 C C4    . DG  B 1 6 ? -8.275  -3.249  -7.038  1.00 13.18 ? 12 DG  B C4    1 
HETATM 245 O O     . HOH C 2 . ? -0.773  -0.269  9.911   1.00 14.02 ? 13 HOH A O     1 
HETATM 246 O O     . HOH C 2 . ? 1.291   0.794   -13.453 1.00 15.26 ? 15 HOH A O     1 
HETATM 247 O O     . HOH C 2 . ? -5.003  4.896   -9.213  1.00 12.85 ? 17 HOH A O     1 
HETATM 248 O O     . HOH C 2 . ? -1.287  -3.202  3.734   1.00 13.92 ? 18 HOH A O     1 
HETATM 249 O O     . HOH C 2 . ? 1.016   -4.061  2.620   1.00 12.12 ? 19 HOH A O     1 
HETATM 250 O O     . HOH C 2 . ? 0.754   4.790   -10.098 1.00 14.01 ? 20 HOH A O     1 
HETATM 251 O O     . HOH C 2 . ? -1.330  5.281   -8.515  1.00 17.33 ? 22 HOH A O     1 
HETATM 252 O O     . HOH C 2 . ? 7.307   -6.283  -0.930  1.00 16.31 ? 25 HOH A O     1 
HETATM 253 O O     . HOH C 2 . ? 2.332   2.244   -15.515 1.00 17.96 ? 26 HOH A O     1 
HETATM 254 O O     . HOH C 2 . ? 3.737   5.363   -4.257  1.00 19.95 ? 30 HOH A O     1 
HETATM 255 O O     . HOH C 2 . ? 6.779   0.972   -2.479  1.00 29.80 ? 33 HOH A O     1 
HETATM 256 O O     . HOH C 2 . ? -0.093  -5.125  0.354   1.00 21.32 ? 34 HOH A O     1 
HETATM 257 O O     . HOH C 2 . ? -1.046  -3.214  -1.521  1.00 17.84 ? 36 HOH A O     1 
HETATM 258 O O     . HOH C 2 . ? 1.052   5.731   -6.455  1.00 19.23 ? 37 HOH A O     1 
HETATM 259 O O     . HOH C 2 . ? 5.216   -8.153  7.380   1.00 31.47 ? 39 HOH A O     1 
HETATM 260 O O     . HOH C 2 . ? 5.415   -4.334  -12.512 1.00 37.06 ? 42 HOH A O     1 
HETATM 261 O O     . HOH C 2 . ? -1.086  -7.535  3.966   1.00 52.11 ? 43 HOH A O     1 
HETATM 262 O O     . HOH C 2 . ? 0.556   -9.025  5.678   1.00 39.79 ? 51 HOH A O     1 
HETATM 263 O O     . HOH C 2 . ? 8.054   3.871   0.826   1.00 39.22 ? 52 HOH A O     1 
HETATM 264 O O     . HOH C 2 . ? 10.369  -4.455  -5.663  1.00 41.15 ? 53 HOH A O     1 
HETATM 265 O O     . HOH C 2 . ? 9.373   2.257   3.104   1.00 27.20 ? 55 HOH A O     1 
HETATM 266 O O     . HOH C 2 . ? -1.591  0.048   6.364   1.00 30.19 ? 56 HOH A O     1 
HETATM 267 O O     . HOH C 2 . ? 1.880   -4.525  -6.056  1.00 38.08 ? 57 HOH A O     1 
HETATM 268 O O     . HOH C 2 . ? 7.167   -4.819  8.261   1.00 35.39 ? 58 HOH A O     1 
HETATM 269 O O     . HOH C 2 . ? 9.645   -2.993  -2.492  1.00 34.66 ? 61 HOH A O     1 
HETATM 270 O O     . HOH C 2 . ? 0.825   -8.222  1.619   1.00 33.43 ? 66 HOH A O     1 
HETATM 271 O O     . HOH D 2 . ? -4.426  -1.334  0.270   1.00 11.61 ? 14 HOH B O     1 
HETATM 272 O O     . HOH D 2 . ? -3.910  -6.165  -6.330  1.00 19.43 ? 16 HOH B O     1 
HETATM 273 O O     . HOH D 2 . ? 1.677   3.396   10.449  1.00 19.69 ? 21 HOH B O     1 
HETATM 274 O O     . HOH D 2 . ? -5.693  5.931   4.853   1.00 19.94 ? 23 HOH B O     1 
HETATM 275 O O     . HOH D 2 . ? -7.115  -4.211  0.287   1.00 18.58 ? 24 HOH B O     1 
HETATM 276 O O     . HOH D 2 . ? -1.220  -0.537  3.587   1.00 18.29 ? 27 HOH B O     1 
HETATM 277 O O     . HOH D 2 . ? 0.712   2.145   6.826   1.00 27.63 ? 28 HOH B O     1 
HETATM 278 O O     . HOH D 2 . ? -11.342 -1.094  -2.883  1.00 21.80 ? 29 HOH B O     1 
HETATM 279 O O     . HOH D 2 . ? -3.895  -1.097  2.952   1.00 16.60 ? 31 HOH B O     1 
HETATM 280 O O     . HOH D 2 . ? -0.380  6.771   -1.571  1.00 17.89 ? 32 HOH B O     1 
HETATM 281 O O     . HOH D 2 . ? -3.327  -4.717  2.390   1.00 29.62 ? 35 HOH B O     1 
HETATM 282 O O     . HOH D 2 . ? -3.208  -3.713  -0.237  1.00 23.53 ? 38 HOH B O     1 
HETATM 283 O O     . HOH D 2 . ? -7.450  6.029   -8.467  1.00 19.48 ? 40 HOH B O     1 
HETATM 284 O O     . HOH D 2 . ? -1.252  4.348   6.406   1.00 33.40 ? 41 HOH B O     1 
HETATM 285 O O     . HOH D 2 . ? -9.322  3.601   -9.539  1.00 40.40 ? 44 HOH B O     1 
HETATM 286 O O     . HOH D 2 . ? -1.696  -5.089  -3.310  1.00 30.49 ? 45 HOH B O     1 
HETATM 287 O O     . HOH D 2 . ? 4.641   5.969   -1.559  1.00 18.71 ? 46 HOH B O     1 
HETATM 288 O O     . HOH D 2 . ? 1.697   7.960   11.895  1.00 31.12 ? 47 HOH B O     1 
HETATM 289 O O     . HOH D 2 . ? -3.890  10.799  0.192   1.00 22.56 ? 48 HOH B O     1 
HETATM 290 O O     . HOH D 2 . ? 7.910   5.463   4.908   1.00 28.86 ? 49 HOH B O     1 
HETATM 291 O O     . HOH D 2 . ? 2.574   7.507   -1.293  1.00 23.54 ? 50 HOH B O     1 
HETATM 292 O O     . HOH D 2 . ? -3.116  7.739   -4.184  1.00 33.15 ? 54 HOH B O     1 
HETATM 293 O O     . HOH D 2 . ? -2.457  8.674   -1.441  1.00 32.80 ? 59 HOH B O     1 
HETATM 294 O O     . HOH D 2 . ? -2.719  9.034   6.716   1.00 34.15 ? 60 HOH B O     1 
HETATM 295 O O     . HOH D 2 . ? -5.945  -4.425  3.021   1.00 30.91 ? 62 HOH B O     1 
HETATM 296 O O     . HOH D 2 . ? -6.242  0.090   8.314   1.00 34.26 ? 63 HOH B O     1 
HETATM 297 O O     . HOH D 2 . ? -8.044  -3.117  2.878   1.00 41.73 ? 64 HOH B O     1 
HETATM 298 O O     . HOH D 2 . ? -11.923 -9.222  -7.800  1.00 29.02 ? 65 HOH B O     1 
HETATM 299 O O     . HOH D 2 . ? -5.394  -8.891  -6.514  1.00 28.28 ? 67 HOH B O     1 
HETATM 300 O O     . HOH D 2 . ? -3.777  -8.907  -3.835  1.00 41.84 ? 68 HOH B O     1 
HETATM 301 O O     . HOH D 2 . ? -6.990  -1.253  5.262   1.00 47.84 ? 69 HOH B O     1 
HETATM 302 O O     . HOH D 2 . ? -13.724 -11.834 -8.223  1.00 48.16 ? 70 HOH B O     1 
# 
